data_4CUG
#
_entry.id   4CUG
#
_cell.length_a   98.220
_cell.length_b   117.470
_cell.length_c   120.280
_cell.angle_alpha   90.00
_cell.angle_beta   90.00
_cell.angle_gamma   90.00
#
_symmetry.space_group_name_H-M   'P 21 21 21'
#
loop_
_entity.id
_entity.type
_entity.pdbx_description
1 polymer 'CUPIN 4 FAMILY PROTEIN'
2 polymer '50S RIBOSOMAL PROTEIN L16'
3 non-polymer 'MANGANESE (II) ION'
4 non-polymer N-OXALYLGLYCINE
5 non-polymer (4S)-2-METHYL-2,4-PENTANEDIOL
6 non-polymer 'PHOSPHATE ION'
#
loop_
_entity_poly.entity_id
_entity_poly.type
_entity_poly.pdbx_seq_one_letter_code
_entity_poly.pdbx_strand_id
1 'polypeptide(L)'
;HHHHSSGLVPRGSHMQLPETILGGLAPEEFLANYWQKRPLLIRQALPGFRSPITPEELAGLACEEGVTARLILEKGGAYP
WEVRYGPFEPEDFVALPPTHWTLLVQEVDRLVPEVAALLETVRFVPNWRLDDIMVSYAPEGGTVGAHIDNYDVFLVQAWG
RRRWQINHRPVEREELVPGLEVRLLAHFEPDAEWILEPGDVLYLPPRIPHYGVALEDCMTFSIGFRAPDQAELAEAMPRM
AAWLDGGRRYADPDLTPADEPGEITPEALDQIQALLRALIDDRERLARWFGCIITEPRRGLPPEPPGRPLSAKQLHRRLQ
QGATLRRNAIPELAYVRHADGSATLFASGEAYELSPELADVAPLLTGRRPLTAETLRPWLERDDFLELLQTLIHSGILSL
IPARKR
;
A,B
2 'polypeptide(L)' KPVTKKPAEVRMGKGKGSVE E,F
#
loop_
_chem_comp.id
_chem_comp.type
_chem_comp.name
_chem_comp.formula
MN non-polymer 'MANGANESE (II) ION' 'Mn 2'
MPD non-polymer (4S)-2-METHYL-2,4-PENTANEDIOL 'C6 H14 O2'
OGA non-polymer N-OXALYLGLYCINE 'C4 H5 N O5'
PO4 non-polymer 'PHOSPHATE ION' 'O4 P -3'
#
# COMPACT_ATOMS: atom_id res chain seq x y z
N GLN A 16 -21.10 26.12 27.16
CA GLN A 16 -20.33 27.00 28.02
C GLN A 16 -18.89 27.13 27.51
N LEU A 17 -18.73 27.10 26.19
CA LEU A 17 -17.42 27.27 25.56
C LEU A 17 -17.44 28.47 24.61
N PRO A 18 -16.33 29.20 24.51
CA PRO A 18 -16.28 30.32 23.56
C PRO A 18 -16.16 29.84 22.12
N GLU A 19 -16.21 30.77 21.17
CA GLU A 19 -16.11 30.43 19.75
C GLU A 19 -14.79 29.74 19.44
N THR A 20 -13.69 30.33 19.89
CA THR A 20 -12.35 29.79 19.61
C THR A 20 -11.52 29.61 20.87
N ILE A 21 -10.35 28.99 20.70
CA ILE A 21 -9.51 28.58 21.83
C ILE A 21 -8.37 29.58 22.09
N LEU A 22 -8.39 30.71 21.41
CA LEU A 22 -7.28 31.66 21.48
C LEU A 22 -7.56 32.83 22.44
N GLY A 23 -8.67 32.75 23.17
CA GLY A 23 -9.01 33.78 24.13
C GLY A 23 -9.06 35.16 23.49
N GLY A 24 -8.12 36.01 23.88
CA GLY A 24 -8.08 37.38 23.39
C GLY A 24 -7.57 37.51 21.97
N LEU A 25 -6.81 36.51 21.52
CA LEU A 25 -6.16 36.55 20.22
C LEU A 25 -7.12 36.26 19.06
N ALA A 26 -6.90 36.92 17.93
CA ALA A 26 -7.66 36.66 16.72
C ALA A 26 -6.99 35.54 15.92
N PRO A 27 -7.79 34.72 15.20
CA PRO A 27 -7.24 33.64 14.38
C PRO A 27 -6.19 34.13 13.37
N GLU A 28 -6.46 35.26 12.72
CA GLU A 28 -5.55 35.82 11.73
C GLU A 28 -4.16 36.04 12.32
N GLU A 29 -4.11 36.65 13.50
CA GLU A 29 -2.85 36.94 14.15
C GLU A 29 -2.13 35.67 14.61
N PHE A 30 -2.89 34.72 15.13
CA PHE A 30 -2.32 33.47 15.62
C PHE A 30 -1.68 32.67 14.49
N LEU A 31 -2.44 32.45 13.42
CA LEU A 31 -1.94 31.69 12.27
C LEU A 31 -0.77 32.41 11.63
N ALA A 32 -0.75 33.74 11.73
CA ALA A 32 0.28 34.55 11.09
C ALA A 32 1.58 34.54 11.89
N ASN A 33 1.48 34.59 13.22
CA ASN A 33 2.66 34.78 14.07
C ASN A 33 3.12 33.56 14.87
N TYR A 34 2.27 32.53 14.98
CA TYR A 34 2.55 31.41 15.88
C TYR A 34 2.46 30.05 15.17
N TRP A 35 1.34 29.80 14.51
CA TRP A 35 1.06 28.49 13.92
C TRP A 35 2.26 27.95 13.12
N GLN A 36 2.77 26.81 13.56
CA GLN A 36 3.95 26.17 12.96
C GLN A 36 5.19 27.06 12.99
N LYS A 37 5.28 27.93 14.00
CA LYS A 37 6.41 28.85 14.11
C LYS A 37 6.91 28.97 15.55
N ARG A 38 6.05 29.50 16.42
CA ARG A 38 6.43 29.80 17.80
C ARG A 38 5.46 29.18 18.79
N PRO A 39 5.97 28.73 19.96
CA PRO A 39 5.07 28.31 21.03
C PRO A 39 4.28 29.48 21.60
N LEU A 40 3.11 29.21 22.17
CA LEU A 40 2.30 30.26 22.78
C LEU A 40 1.48 29.74 23.96
N LEU A 41 1.63 30.40 25.10
CA LEU A 41 0.84 30.10 26.29
C LEU A 41 -0.36 31.04 26.38
N ILE A 42 -1.56 30.47 26.49
CA ILE A 42 -2.78 31.25 26.55
C ILE A 42 -3.50 31.01 27.87
N ARG A 43 -3.45 32.00 28.75
CA ARG A 43 -4.03 31.89 30.09
C ARG A 43 -5.53 32.12 30.09
N GLN A 44 -6.26 31.17 30.67
CA GLN A 44 -7.73 31.19 30.73
C GLN A 44 -8.32 31.40 29.34
N ALA A 45 -7.85 30.60 28.39
CA ALA A 45 -8.43 30.57 27.05
C ALA A 45 -9.83 30.00 27.11
N LEU A 46 -10.01 29.04 28.01
CA LEU A 46 -11.29 28.36 28.18
C LEU A 46 -11.77 28.50 29.63
N PRO A 47 -12.36 29.66 29.96
CA PRO A 47 -12.83 29.93 31.32
C PRO A 47 -13.81 28.87 31.84
N GLY A 48 -13.64 28.49 33.10
CA GLY A 48 -14.56 27.58 33.76
C GLY A 48 -14.66 26.21 33.11
N PHE A 49 -13.71 25.88 32.23
CA PHE A 49 -13.73 24.59 31.58
C PHE A 49 -13.10 23.53 32.48
N ARG A 50 -13.94 22.59 32.92
CA ARG A 50 -13.48 21.40 33.63
C ARG A 50 -13.73 20.19 32.73
N SER A 51 -13.03 19.10 33.00
CA SER A 51 -13.19 17.90 32.20
C SER A 51 -14.61 17.37 32.28
N PRO A 52 -15.23 17.07 31.12
CA PRO A 52 -16.57 16.46 31.17
C PRO A 52 -16.52 15.03 31.68
N ILE A 53 -15.35 14.39 31.57
CA ILE A 53 -15.14 13.05 32.11
C ILE A 53 -14.30 13.11 33.38
N THR A 54 -14.29 12.02 34.14
CA THR A 54 -13.51 11.92 35.37
C THR A 54 -12.49 10.79 35.25
N PRO A 55 -11.40 10.85 36.05
CA PRO A 55 -10.35 9.82 35.99
C PRO A 55 -10.88 8.40 36.08
N GLU A 56 -11.97 8.20 36.81
CA GLU A 56 -12.59 6.87 36.89
C GLU A 56 -13.17 6.51 35.53
N GLU A 57 -13.94 7.44 34.96
CA GLU A 57 -14.56 7.24 33.66
C GLU A 57 -13.52 7.06 32.56
N LEU A 58 -12.38 7.74 32.69
CA LEU A 58 -11.31 7.62 31.72
C LEU A 58 -10.71 6.21 31.76
N ALA A 59 -10.59 5.65 32.97
CA ALA A 59 -10.06 4.30 33.14
C ALA A 59 -11.01 3.27 32.55
N GLY A 60 -12.30 3.44 32.83
CA GLY A 60 -13.32 2.56 32.30
C GLY A 60 -13.31 2.58 30.78
N LEU A 61 -13.12 3.78 30.23
CA LEU A 61 -13.08 3.96 28.78
C LEU A 61 -11.87 3.24 28.18
N ALA A 62 -10.79 3.18 28.94
CA ALA A 62 -9.57 2.51 28.51
C ALA A 62 -9.71 1.00 28.55
N CYS A 63 -10.80 0.50 29.13
CA CYS A 63 -11.04 -0.93 29.23
C CYS A 63 -11.91 -1.46 28.10
N GLU A 64 -12.43 -0.55 27.27
CA GLU A 64 -13.25 -0.93 26.13
C GLU A 64 -12.37 -1.45 24.99
N GLU A 65 -12.74 -2.60 24.43
CA GLU A 65 -11.99 -3.19 23.32
C GLU A 65 -12.13 -2.32 22.08
N GLY A 66 -11.04 -2.24 21.30
CA GLY A 66 -11.00 -1.40 20.13
C GLY A 66 -10.40 -0.04 20.42
N VAL A 67 -10.28 0.29 21.71
CA VAL A 67 -9.73 1.57 22.14
C VAL A 67 -8.21 1.47 22.33
N THR A 68 -7.51 2.56 22.00
CA THR A 68 -6.07 2.63 22.17
C THR A 68 -5.70 3.40 23.43
N ALA A 69 -5.11 2.71 24.40
CA ALA A 69 -4.71 3.31 25.67
C ALA A 69 -3.37 2.77 26.13
N ARG A 70 -2.64 3.59 26.90
CA ARG A 70 -1.31 3.22 27.40
C ARG A 70 -1.11 3.67 28.83
N LEU A 71 -0.43 2.82 29.60
CA LEU A 71 0.01 3.18 30.96
C LEU A 71 1.53 3.30 30.98
N ILE A 72 2.02 4.45 31.40
CA ILE A 72 3.45 4.71 31.47
C ILE A 72 3.89 4.92 32.92
N LEU A 73 4.80 4.09 33.38
CA LEU A 73 5.35 4.20 34.74
C LEU A 73 6.82 4.58 34.69
N GLU A 74 7.12 5.82 35.07
CA GLU A 74 8.50 6.28 35.18
C GLU A 74 9.25 5.43 36.20
N LYS A 75 8.56 5.12 37.30
CA LYS A 75 9.12 4.28 38.35
C LYS A 75 8.01 3.52 39.04
N GLY A 76 8.36 2.42 39.70
CA GLY A 76 7.38 1.59 40.40
C GLY A 76 6.86 0.46 39.53
N GLY A 77 7.40 0.35 38.32
CA GLY A 77 7.03 -0.73 37.42
C GLY A 77 8.07 -1.84 37.44
N ALA A 78 7.98 -2.76 36.50
CA ALA A 78 8.93 -3.87 36.40
C ALA A 78 10.32 -3.33 36.08
N TYR A 79 10.37 -2.30 35.24
CA TYR A 79 11.62 -1.65 34.87
C TYR A 79 11.35 -0.18 34.57
N PRO A 80 12.38 0.68 34.66
CA PRO A 80 12.17 2.12 34.44
C PRO A 80 11.48 2.45 33.12
N TRP A 81 10.51 3.35 33.19
CA TRP A 81 9.73 3.75 32.01
C TRP A 81 9.09 2.55 31.32
N GLU A 82 8.33 1.77 32.09
CA GLU A 82 7.60 0.63 31.54
C GLU A 82 6.33 1.11 30.84
N VAL A 83 6.06 0.53 29.67
CA VAL A 83 4.84 0.82 28.93
C VAL A 83 3.94 -0.40 28.90
N ARG A 84 2.68 -0.20 29.27
CA ARG A 84 1.66 -1.24 29.21
C ARG A 84 0.56 -0.79 28.25
N TYR A 85 0.20 -1.67 27.31
CA TYR A 85 -0.74 -1.32 26.25
C TYR A 85 -2.11 -1.95 26.50
N GLY A 86 -3.16 -1.18 26.20
CA GLY A 86 -4.52 -1.66 26.36
C GLY A 86 -4.97 -2.51 25.19
N PRO A 87 -6.26 -2.89 25.17
CA PRO A 87 -7.26 -2.54 26.18
C PRO A 87 -7.03 -3.25 27.51
N PHE A 88 -7.29 -2.53 28.60
CA PHE A 88 -7.05 -3.07 29.94
C PHE A 88 -8.30 -3.64 30.57
N GLU A 89 -8.15 -4.11 31.80
CA GLU A 89 -9.27 -4.47 32.65
C GLU A 89 -9.03 -3.83 34.01
N PRO A 90 -10.10 -3.70 34.82
CA PRO A 90 -10.00 -2.98 36.11
C PRO A 90 -8.87 -3.48 37.01
N GLU A 91 -8.47 -4.74 36.86
CA GLU A 91 -7.41 -5.31 37.69
C GLU A 91 -6.06 -4.65 37.44
N ASP A 92 -5.89 -4.08 36.26
CA ASP A 92 -4.62 -3.45 35.89
C ASP A 92 -4.38 -2.13 36.64
N PHE A 93 -5.45 -1.52 37.13
CA PHE A 93 -5.37 -0.20 37.74
C PHE A 93 -5.08 -0.22 39.23
N VAL A 94 -5.56 -1.23 39.93
CA VAL A 94 -5.42 -1.28 41.39
C VAL A 94 -3.98 -1.47 41.82
N ALA A 95 -3.18 -2.12 40.96
CA ALA A 95 -1.80 -2.44 41.30
C ALA A 95 -0.85 -1.27 41.05
N LEU A 96 -1.38 -0.14 40.63
CA LEU A 96 -0.56 1.02 40.32
C LEU A 96 -0.04 1.71 41.57
N PRO A 97 1.21 2.22 41.53
CA PRO A 97 1.72 3.00 42.67
C PRO A 97 0.87 4.24 42.93
N PRO A 98 1.03 4.86 44.11
CA PRO A 98 0.27 6.07 44.43
C PRO A 98 0.71 7.28 43.60
N THR A 99 1.87 7.17 42.96
CA THR A 99 2.46 8.30 42.26
C THR A 99 3.34 7.87 41.07
N HIS A 100 3.70 8.86 40.26
CA HIS A 100 4.62 8.66 39.14
C HIS A 100 4.15 7.60 38.15
N TRP A 101 3.00 7.87 37.53
CA TRP A 101 2.54 7.09 36.38
C TRP A 101 1.52 7.91 35.60
N THR A 102 1.22 7.50 34.38
CA THR A 102 0.31 8.24 33.52
C THR A 102 -0.55 7.32 32.66
N LEU A 103 -1.82 7.68 32.51
CA LEU A 103 -2.73 6.97 31.61
C LEU A 103 -3.03 7.85 30.41
N LEU A 104 -2.76 7.33 29.22
CA LEU A 104 -3.09 8.03 27.98
C LEU A 104 -4.21 7.29 27.25
N VAL A 105 -5.12 8.05 26.65
CA VAL A 105 -6.21 7.47 25.87
C VAL A 105 -6.42 8.27 24.58
N GLN A 106 -6.40 7.56 23.45
CA GLN A 106 -6.49 8.19 22.13
C GLN A 106 -7.92 8.30 21.64
N GLU A 107 -8.17 9.29 20.80
CA GLU A 107 -9.45 9.44 20.10
C GLU A 107 -10.63 9.51 21.07
N VAL A 108 -10.45 10.21 22.18
CA VAL A 108 -11.51 10.35 23.17
C VAL A 108 -12.61 11.26 22.63
N ASP A 109 -12.26 12.14 21.68
CA ASP A 109 -13.23 13.00 21.04
C ASP A 109 -14.25 12.18 20.26
N ARG A 110 -13.83 11.01 19.80
CA ARG A 110 -14.68 10.12 19.03
C ARG A 110 -15.49 9.19 19.94
N LEU A 111 -15.19 9.21 21.24
CA LEU A 111 -15.88 8.36 22.22
C LEU A 111 -16.82 9.14 23.13
N VAL A 112 -16.58 10.45 23.26
CA VAL A 112 -17.33 11.29 24.19
C VAL A 112 -17.67 12.64 23.56
N PRO A 113 -18.94 12.83 23.16
CA PRO A 113 -19.38 14.07 22.50
C PRO A 113 -19.03 15.35 23.26
N GLU A 114 -18.96 15.31 24.58
CA GLU A 114 -18.63 16.51 25.36
C GLU A 114 -17.18 16.92 25.08
N VAL A 115 -16.33 15.94 24.81
CA VAL A 115 -14.94 16.21 24.44
C VAL A 115 -14.86 16.68 22.99
N ALA A 116 -15.77 16.16 22.16
CA ALA A 116 -15.82 16.56 20.76
C ALA A 116 -16.21 18.04 20.64
N ALA A 117 -17.03 18.51 21.57
CA ALA A 117 -17.45 19.91 21.59
C ALA A 117 -16.25 20.83 21.82
N LEU A 118 -15.24 20.32 22.50
CA LEU A 118 -14.01 21.05 22.71
C LEU A 118 -13.28 21.24 21.38
N LEU A 119 -13.56 20.34 20.44
CA LEU A 119 -12.97 20.39 19.11
C LEU A 119 -13.62 21.48 18.26
N GLU A 120 -14.83 21.89 18.65
CA GLU A 120 -15.52 22.98 17.97
C GLU A 120 -14.88 24.32 18.28
N THR A 121 -13.93 24.34 19.22
CA THR A 121 -13.23 25.56 19.58
C THR A 121 -11.98 25.77 18.76
N VAL A 122 -11.69 24.84 17.85
CA VAL A 122 -10.55 24.98 16.95
C VAL A 122 -10.98 24.69 15.51
N ARG A 123 -11.69 25.64 14.90
CA ARG A 123 -12.24 25.44 13.56
C ARG A 123 -11.60 26.35 12.51
N PHE A 124 -10.69 27.22 12.94
CA PHE A 124 -9.97 28.09 12.02
C PHE A 124 -8.89 27.30 11.26
N VAL A 125 -8.76 26.02 11.61
CA VAL A 125 -7.89 25.08 10.92
C VAL A 125 -8.76 24.06 10.19
N PRO A 126 -8.39 23.68 8.96
CA PRO A 126 -9.22 22.73 8.22
C PRO A 126 -9.40 21.38 8.94
N ASN A 127 -10.55 20.76 8.77
CA ASN A 127 -10.89 19.54 9.48
C ASN A 127 -9.88 18.41 9.31
N TRP A 128 -9.35 18.26 8.10
CA TRP A 128 -8.48 17.11 7.82
C TRP A 128 -7.14 17.23 8.53
N ARG A 129 -6.76 18.45 8.91
CA ARG A 129 -5.53 18.66 9.64
C ARG A 129 -5.65 18.16 11.07
N LEU A 130 -6.88 18.03 11.56
CA LEU A 130 -7.13 17.50 12.90
C LEU A 130 -6.91 16.00 12.96
N ASP A 131 -6.31 15.54 14.05
CA ASP A 131 -6.16 14.11 14.31
C ASP A 131 -7.20 13.66 15.32
N ASP A 132 -7.00 14.03 16.58
CA ASP A 132 -7.85 13.56 17.66
C ASP A 132 -7.58 14.34 18.93
N ILE A 133 -8.41 14.12 19.95
CA ILE A 133 -8.15 14.63 21.29
C ILE A 133 -7.70 13.49 22.18
N MET A 134 -6.45 13.57 22.62
CA MET A 134 -5.88 12.59 23.54
C MET A 134 -6.03 13.09 24.97
N VAL A 135 -6.68 12.30 25.80
CA VAL A 135 -6.86 12.65 27.21
C VAL A 135 -5.89 11.86 28.07
N SER A 136 -5.18 12.55 28.94
CA SER A 136 -4.25 11.93 29.86
C SER A 136 -4.67 12.17 31.29
N TYR A 137 -4.47 11.19 32.16
CA TYR A 137 -4.62 11.37 33.60
C TYR A 137 -3.33 10.98 34.31
N ALA A 138 -2.95 11.76 35.30
CA ALA A 138 -1.74 11.49 36.07
C ALA A 138 -1.89 11.96 37.53
N PRO A 139 -1.45 11.13 38.49
CA PRO A 139 -1.29 11.64 39.85
C PRO A 139 -0.02 12.48 39.97
N GLU A 140 0.40 12.79 41.19
CA GLU A 140 1.59 13.59 41.42
C GLU A 140 2.83 12.98 40.77
N GLY A 141 3.63 13.82 40.12
CA GLY A 141 4.89 13.38 39.53
C GLY A 141 4.74 12.60 38.23
N GLY A 142 3.50 12.42 37.79
CA GLY A 142 3.23 11.68 36.57
C GLY A 142 3.69 12.44 35.33
N THR A 143 4.36 11.73 34.43
CA THR A 143 4.88 12.36 33.23
C THR A 143 5.21 11.33 32.15
N VAL A 144 5.22 11.77 30.90
CA VAL A 144 5.63 10.93 29.78
C VAL A 144 7.08 11.22 29.40
N GLY A 145 7.74 12.07 30.17
CA GLY A 145 9.13 12.41 29.93
C GLY A 145 9.29 13.54 28.94
N ALA A 146 10.53 13.99 28.76
CA ALA A 146 10.84 15.03 27.78
C ALA A 146 10.87 14.43 26.38
N HIS A 147 10.13 15.01 25.45
CA HIS A 147 10.02 14.47 24.10
C HIS A 147 9.64 15.53 23.08
N ILE A 148 9.65 15.14 21.82
CA ILE A 148 9.14 15.98 20.74
C ILE A 148 8.09 15.22 19.93
N ASP A 149 7.23 15.98 19.27
CA ASP A 149 6.24 15.41 18.35
C ASP A 149 6.36 16.09 17.00
N ASN A 150 5.77 15.48 15.98
CA ASN A 150 5.63 16.11 14.68
C ASN A 150 4.26 16.78 14.57
N TYR A 151 3.51 16.71 15.67
CA TYR A 151 2.18 17.31 15.77
C TYR A 151 2.24 18.80 16.06
N ASP A 152 1.27 19.54 15.53
CA ASP A 152 0.86 20.79 16.18
C ASP A 152 -0.07 20.36 17.30
N VAL A 153 -0.02 21.02 18.45
CA VAL A 153 -0.81 20.58 19.58
C VAL A 153 -1.23 21.71 20.52
N PHE A 154 -2.49 21.64 20.95
CA PHE A 154 -2.99 22.50 22.02
C PHE A 154 -3.12 21.67 23.29
N LEU A 155 -2.32 22.01 24.29
CA LEU A 155 -2.31 21.28 25.55
C LEU A 155 -3.28 21.94 26.53
N VAL A 156 -4.49 21.38 26.60
CA VAL A 156 -5.56 21.96 27.40
C VAL A 156 -5.60 21.33 28.79
N GLN A 157 -5.40 22.16 29.82
CA GLN A 157 -5.45 21.70 31.20
C GLN A 157 -6.90 21.62 31.66
N ALA A 158 -7.33 20.43 32.09
CA ALA A 158 -8.74 20.17 32.38
C ALA A 158 -9.02 19.91 33.86
N TRP A 159 -7.98 19.61 34.62
CA TRP A 159 -8.14 19.29 36.03
C TRP A 159 -6.75 19.24 36.66
N GLY A 160 -6.64 19.63 37.93
CA GLY A 160 -5.36 19.67 38.60
C GLY A 160 -4.43 20.68 37.94
N ARG A 161 -3.17 20.67 38.36
CA ARG A 161 -2.16 21.55 37.79
C ARG A 161 -1.00 20.75 37.21
N ARG A 162 -0.41 21.26 36.13
CA ARG A 162 0.74 20.61 35.51
C ARG A 162 1.83 21.62 35.20
N ARG A 163 3.07 21.26 35.54
CA ARG A 163 4.23 22.10 35.23
C ARG A 163 4.78 21.72 33.85
N TRP A 164 4.68 22.65 32.91
CA TRP A 164 5.20 22.44 31.56
C TRP A 164 6.51 23.18 31.35
N GLN A 165 7.53 22.46 30.95
CA GLN A 165 8.81 23.06 30.55
C GLN A 165 9.01 22.83 29.05
N ILE A 166 9.46 23.85 28.34
CA ILE A 166 9.75 23.71 26.91
C ILE A 166 11.07 24.38 26.54
N ASN A 167 11.39 24.29 25.25
CA ASN A 167 12.53 25.00 24.69
C ASN A 167 12.13 25.57 23.34
N HIS A 168 12.21 26.89 23.20
CA HIS A 168 11.66 27.57 22.03
C HIS A 168 12.35 27.20 20.71
N ARG A 169 13.53 26.59 20.78
CA ARG A 169 14.22 26.14 19.57
C ARG A 169 13.75 24.74 19.18
N PRO A 170 13.18 24.59 17.97
CA PRO A 170 12.76 23.26 17.51
C PRO A 170 13.93 22.29 17.39
N VAL A 171 13.63 20.99 17.47
CA VAL A 171 14.67 19.97 17.34
C VAL A 171 14.73 19.43 15.92
N GLU A 172 15.83 19.71 15.22
CA GLU A 172 16.03 19.21 13.87
C GLU A 172 16.37 17.73 13.93
N ARG A 173 17.59 17.42 14.38
CA ARG A 173 18.03 16.04 14.56
C ARG A 173 17.83 15.63 16.02
N GLU A 174 16.87 14.74 16.26
CA GLU A 174 16.57 14.30 17.61
C GLU A 174 17.53 13.20 18.06
N GLU A 175 18.19 13.42 19.19
CA GLU A 175 19.04 12.42 19.80
C GLU A 175 18.26 11.71 20.90
N LEU A 176 17.95 10.43 20.66
CA LEU A 176 17.08 9.66 21.55
C LEU A 176 17.84 8.86 22.59
N VAL A 177 17.09 8.27 23.53
CA VAL A 177 17.63 7.35 24.51
C VAL A 177 17.35 5.92 24.06
N PRO A 178 18.40 5.08 23.95
CA PRO A 178 18.24 3.77 23.31
C PRO A 178 17.30 2.80 24.05
N GLY A 179 16.36 2.20 23.31
CA GLY A 179 15.52 1.13 23.84
C GLY A 179 14.71 1.49 25.07
N LEU A 180 13.59 2.19 24.87
CA LEU A 180 12.74 2.62 25.98
C LEU A 180 11.26 2.30 25.80
N GLU A 181 10.82 2.15 24.55
CA GLU A 181 9.40 2.00 24.17
C GLU A 181 8.66 3.34 24.13
N VAL A 182 9.25 4.37 24.73
CA VAL A 182 8.74 5.73 24.60
C VAL A 182 9.88 6.62 24.13
N ARG A 183 9.57 7.56 23.24
CA ARG A 183 10.60 8.44 22.68
C ARG A 183 10.95 9.57 23.64
N LEU A 184 12.13 9.46 24.24
CA LEU A 184 12.63 10.49 25.15
C LEU A 184 13.93 11.07 24.63
N LEU A 185 14.15 12.36 24.88
CA LEU A 185 15.38 13.02 24.47
C LEU A 185 16.50 12.74 25.45
N ALA A 186 17.70 12.52 24.92
CA ALA A 186 18.86 12.23 25.75
C ALA A 186 19.26 13.46 26.55
N HIS A 187 19.24 14.62 25.89
CA HIS A 187 19.56 15.89 26.52
C HIS A 187 18.37 16.84 26.38
N PHE A 188 18.05 17.54 27.46
CA PHE A 188 16.95 18.50 27.43
C PHE A 188 17.13 19.59 28.47
N GLU A 189 17.50 20.79 28.02
CA GLU A 189 17.56 21.96 28.89
C GLU A 189 16.48 22.97 28.51
N PRO A 190 15.48 23.16 29.39
CA PRO A 190 14.38 24.07 29.05
C PRO A 190 14.71 25.54 29.31
N ASP A 191 14.27 26.43 28.42
CA ASP A 191 14.47 27.87 28.59
C ASP A 191 13.20 28.58 29.04
N ALA A 192 12.12 27.82 29.18
CA ALA A 192 10.84 28.36 29.60
C ALA A 192 10.13 27.37 30.51
N GLU A 193 9.32 27.89 31.44
CA GLU A 193 8.60 27.05 32.38
C GLU A 193 7.31 27.73 32.83
N TRP A 194 6.22 26.96 32.85
CA TRP A 194 4.92 27.47 33.30
C TRP A 194 4.17 26.39 34.07
N ILE A 195 3.28 26.83 34.94
CA ILE A 195 2.37 25.91 35.65
C ILE A 195 0.94 26.24 35.26
N LEU A 196 0.31 25.30 34.56
CA LEU A 196 -1.04 25.50 34.02
C LEU A 196 -2.12 25.09 35.01
N GLU A 197 -3.20 25.88 35.04
CA GLU A 197 -4.37 25.59 35.86
C GLU A 197 -5.52 25.24 34.93
N PRO A 198 -6.60 24.66 35.45
CA PRO A 198 -7.72 24.34 34.58
C PRO A 198 -8.27 25.55 33.81
N GLY A 199 -8.22 25.47 32.49
CA GLY A 199 -8.73 26.52 31.63
C GLY A 199 -7.69 27.11 30.70
N ASP A 200 -6.45 27.25 31.16
CA ASP A 200 -5.40 27.82 30.32
C ASP A 200 -4.80 26.75 29.40
N VAL A 201 -4.31 27.19 28.25
CA VAL A 201 -3.85 26.29 27.19
C VAL A 201 -2.44 26.63 26.74
N LEU A 202 -1.68 25.60 26.36
CA LEU A 202 -0.33 25.77 25.84
C LEU A 202 -0.21 25.20 24.43
N TYR A 203 -0.05 26.09 23.46
CA TYR A 203 0.14 25.67 22.08
C TYR A 203 1.61 25.43 21.76
N LEU A 204 1.89 24.32 21.09
CA LEU A 204 3.23 24.01 20.62
C LEU A 204 3.21 23.67 19.13
N PRO A 205 4.09 24.31 18.32
CA PRO A 205 4.27 23.85 16.95
C PRO A 205 5.12 22.58 16.92
N PRO A 206 5.18 21.87 15.78
CA PRO A 206 5.92 20.60 15.72
C PRO A 206 7.38 20.71 16.14
N ARG A 207 7.90 19.61 16.66
CA ARG A 207 9.32 19.46 17.00
C ARG A 207 9.78 20.39 18.13
N ILE A 208 8.84 20.91 18.91
CA ILE A 208 9.20 21.68 20.10
C ILE A 208 9.29 20.76 21.30
N PRO A 209 10.48 20.65 21.92
CA PRO A 209 10.64 19.72 23.05
C PRO A 209 9.90 20.19 24.29
N HIS A 210 9.09 19.33 24.88
CA HIS A 210 8.30 19.68 26.07
C HIS A 210 8.31 18.58 27.12
N TYR A 211 8.31 18.99 28.39
CA TYR A 211 8.34 18.08 29.52
C TYR A 211 7.25 18.44 30.51
N GLY A 212 6.17 17.66 30.53
CA GLY A 212 5.04 17.92 31.41
C GLY A 212 5.04 17.03 32.65
N VAL A 213 4.92 17.66 33.81
CA VAL A 213 4.87 16.94 35.08
C VAL A 213 3.67 17.37 35.90
N ALA A 214 2.82 16.41 36.27
CA ALA A 214 1.65 16.69 37.08
C ALA A 214 2.05 17.02 38.50
N LEU A 215 1.53 18.12 39.03
CA LEU A 215 1.79 18.52 40.40
C LEU A 215 0.81 17.86 41.36
N GLU A 216 -0.31 17.38 40.80
CA GLU A 216 -1.41 16.83 41.59
C GLU A 216 -2.08 15.74 40.78
N ASP A 217 -3.31 15.38 41.17
CA ASP A 217 -4.15 14.57 40.31
C ASP A 217 -4.64 15.48 39.19
N CYS A 218 -4.16 15.25 37.98
CA CYS A 218 -4.38 16.16 36.87
C CYS A 218 -4.82 15.44 35.61
N MET A 219 -5.57 16.14 34.77
CA MET A 219 -5.92 15.64 33.45
C MET A 219 -5.60 16.70 32.40
N THR A 220 -5.13 16.24 31.25
CA THR A 220 -4.72 17.12 30.17
C THR A 220 -5.30 16.69 28.84
N PHE A 221 -6.10 17.57 28.24
CA PHE A 221 -6.69 17.31 26.94
C PHE A 221 -5.77 17.83 25.84
N SER A 222 -5.26 16.91 25.03
CA SER A 222 -4.31 17.24 23.98
C SER A 222 -4.97 17.23 22.61
N ILE A 223 -5.23 18.40 22.07
CA ILE A 223 -5.79 18.52 20.72
C ILE A 223 -4.65 18.42 19.72
N GLY A 224 -4.59 17.30 19.01
CA GLY A 224 -3.50 17.04 18.09
C GLY A 224 -3.87 17.25 16.64
N PHE A 225 -3.00 17.96 15.92
CA PHE A 225 -3.08 18.06 14.47
C PHE A 225 -1.98 17.23 13.85
N ARG A 226 -2.19 16.74 12.64
CA ARG A 226 -1.15 16.00 11.94
C ARG A 226 -1.21 16.22 10.44
N ALA A 227 -0.04 16.34 9.83
CA ALA A 227 0.09 16.52 8.40
C ALA A 227 1.00 15.44 7.85
N PRO A 228 0.66 14.86 6.68
CA PRO A 228 1.43 13.70 6.19
C PRO A 228 2.76 14.06 5.56
N ASP A 229 3.72 13.15 5.68
CA ASP A 229 5.01 13.28 4.99
C ASP A 229 5.01 12.33 3.79
N GLN A 230 6.11 12.33 3.04
CA GLN A 230 6.18 11.59 1.78
C GLN A 230 6.00 10.09 1.96
N ALA A 231 6.59 9.52 3.01
CA ALA A 231 6.47 8.10 3.26
C ALA A 231 5.03 7.74 3.60
N GLU A 232 4.37 8.61 4.35
CA GLU A 232 3.01 8.37 4.79
C GLU A 232 2.03 8.49 3.62
N LEU A 233 2.36 9.33 2.65
CA LEU A 233 1.57 9.46 1.43
C LEU A 233 1.84 8.29 0.49
N ALA A 234 3.10 7.87 0.43
CA ALA A 234 3.50 6.74 -0.42
C ALA A 234 2.82 5.46 0.02
N GLU A 235 2.67 5.30 1.34
CA GLU A 235 2.06 4.11 1.91
C GLU A 235 0.54 4.10 1.73
N ALA A 236 -0.02 5.26 1.45
CA ALA A 236 -1.46 5.40 1.24
C ALA A 236 -1.82 5.32 -0.25
N MET A 237 -0.81 5.26 -1.11
CA MET A 237 -1.03 5.23 -2.55
C MET A 237 -1.85 4.03 -3.06
N PRO A 238 -1.73 2.86 -2.42
CA PRO A 238 -2.49 1.71 -2.93
C PRO A 238 -4.01 1.93 -3.00
N ARG A 239 -4.52 2.88 -2.22
CA ARG A 239 -5.95 3.20 -2.21
CA ARG A 239 -5.95 3.17 -2.22
C ARG A 239 -6.37 3.75 -3.57
N MET A 240 -5.41 4.24 -4.36
CA MET A 240 -5.68 4.77 -5.69
C MET A 240 -6.36 3.74 -6.58
N ALA A 241 -6.02 2.47 -6.37
CA ALA A 241 -6.49 1.39 -7.24
C ALA A 241 -8.01 1.28 -7.27
N ALA A 242 -8.66 1.82 -6.24
CA ALA A 242 -10.12 1.79 -6.15
C ALA A 242 -10.77 2.51 -7.33
N TRP A 243 -10.13 3.57 -7.81
CA TRP A 243 -10.68 4.40 -8.88
C TRP A 243 -10.08 4.11 -10.25
N LEU A 244 -9.23 3.11 -10.34
CA LEU A 244 -8.51 2.82 -11.58
C LEU A 244 -9.11 1.65 -12.35
N ASP A 245 -9.30 0.53 -11.67
CA ASP A 245 -9.77 -0.69 -12.31
C ASP A 245 -8.78 -1.04 -13.41
N GLY A 246 -7.49 -0.92 -13.09
CA GLY A 246 -6.41 -1.19 -14.02
C GLY A 246 -5.68 0.07 -14.46
N GLY A 247 -6.40 0.97 -15.15
CA GLY A 247 -5.80 2.16 -15.72
C GLY A 247 -4.90 1.82 -16.89
N ARG A 248 -4.05 2.76 -17.28
CA ARG A 248 -3.08 2.52 -18.35
C ARG A 248 -2.06 1.46 -17.96
N ARG A 249 -1.77 0.55 -18.89
CA ARG A 249 -0.77 -0.49 -18.67
C ARG A 249 0.48 -0.22 -19.51
N TYR A 250 1.64 -0.49 -18.92
CA TYR A 250 2.92 -0.35 -19.61
C TYR A 250 2.92 -1.22 -20.87
N ALA A 251 3.37 -0.64 -21.99
CA ALA A 251 3.37 -1.33 -23.27
C ALA A 251 4.64 -0.99 -24.06
N ASP A 252 5.14 -1.98 -24.81
CA ASP A 252 6.31 -1.77 -25.66
C ASP A 252 6.22 -2.54 -26.98
N PRO A 253 5.27 -2.14 -27.85
CA PRO A 253 5.19 -2.77 -29.17
C PRO A 253 6.37 -2.40 -30.06
N ASP A 254 6.99 -1.26 -29.76
CA ASP A 254 8.13 -0.77 -30.54
C ASP A 254 9.47 -1.20 -29.92
N LEU A 255 9.43 -2.23 -29.09
CA LEU A 255 10.62 -2.76 -28.44
C LEU A 255 11.64 -3.28 -29.46
N THR A 256 12.83 -2.67 -29.46
CA THR A 256 13.95 -3.17 -30.25
C THR A 256 14.73 -4.16 -29.38
N PRO A 257 15.24 -5.25 -29.98
CA PRO A 257 15.83 -6.27 -29.09
C PRO A 257 17.12 -5.90 -28.34
N ALA A 258 16.94 -5.63 -27.06
CA ALA A 258 17.66 -6.33 -26.00
C ALA A 258 19.15 -6.58 -26.23
N ASP A 259 19.94 -5.51 -26.19
CA ASP A 259 21.39 -5.64 -26.13
C ASP A 259 21.75 -6.44 -24.87
N GLU A 260 21.34 -5.93 -23.72
CA GLU A 260 21.52 -6.62 -22.45
C GLU A 260 20.16 -6.84 -21.76
N PRO A 261 19.67 -8.08 -21.73
CA PRO A 261 18.33 -8.35 -21.18
C PRO A 261 18.14 -7.90 -19.73
N GLY A 262 19.22 -7.78 -18.97
CA GLY A 262 19.13 -7.41 -17.57
C GLY A 262 18.74 -5.96 -17.36
N GLU A 263 19.19 -5.09 -18.27
CA GLU A 263 19.04 -3.66 -18.12
C GLU A 263 17.59 -3.19 -18.12
N ILE A 264 17.23 -2.42 -17.10
CA ILE A 264 16.00 -1.64 -17.13
C ILE A 264 16.36 -0.28 -17.72
N THR A 265 16.08 -0.10 -19.00
CA THR A 265 16.55 1.06 -19.74
C THR A 265 15.87 2.36 -19.28
N PRO A 266 16.51 3.51 -19.53
CA PRO A 266 15.92 4.81 -19.22
C PRO A 266 14.57 5.02 -19.91
N GLU A 267 14.39 4.40 -21.07
CA GLU A 267 13.13 4.51 -21.80
C GLU A 267 11.99 3.82 -21.06
N ALA A 268 12.32 2.75 -20.33
CA ALA A 268 11.33 2.04 -19.55
C ALA A 268 10.99 2.83 -18.29
N LEU A 269 11.99 3.45 -17.68
CA LEU A 269 11.76 4.32 -16.52
C LEU A 269 10.92 5.53 -16.92
N ASP A 270 11.14 6.03 -18.13
CA ASP A 270 10.36 7.16 -18.64
C ASP A 270 8.88 6.83 -18.64
N GLN A 271 8.53 5.66 -19.14
CA GLN A 271 7.14 5.25 -19.23
C GLN A 271 6.56 4.97 -17.83
N ILE A 272 7.37 4.41 -16.96
CA ILE A 272 6.94 4.16 -15.58
C ILE A 272 6.69 5.48 -14.86
N GLN A 273 7.57 6.46 -15.09
CA GLN A 273 7.40 7.77 -14.51
C GLN A 273 6.18 8.46 -15.10
N ALA A 274 5.93 8.22 -16.38
CA ALA A 274 4.79 8.80 -17.08
C ALA A 274 3.47 8.25 -16.55
N LEU A 275 3.48 6.98 -16.17
CA LEU A 275 2.27 6.31 -15.66
C LEU A 275 1.93 6.80 -14.26
N LEU A 276 2.95 7.04 -13.45
CA LEU A 276 2.75 7.54 -12.10
C LEU A 276 2.39 9.02 -12.11
N ARG A 277 3.03 9.78 -13.00
CA ARG A 277 2.72 11.20 -13.13
C ARG A 277 1.26 11.40 -13.53
N ALA A 278 0.76 10.54 -14.42
CA ALA A 278 -0.62 10.60 -14.86
C ALA A 278 -1.59 10.44 -13.69
N LEU A 279 -1.24 9.56 -12.74
CA LEU A 279 -2.04 9.38 -11.54
C LEU A 279 -2.07 10.65 -10.71
N ILE A 280 -0.88 11.14 -10.39
CA ILE A 280 -0.72 12.28 -9.50
C ILE A 280 -1.20 13.59 -10.11
N ASP A 281 -1.03 13.75 -11.42
CA ASP A 281 -1.32 15.02 -12.08
C ASP A 281 -2.80 15.18 -12.42
N ASP A 282 -3.55 14.08 -12.36
CA ASP A 282 -5.00 14.16 -12.50
C ASP A 282 -5.54 14.70 -11.18
N ARG A 283 -5.90 15.97 -11.15
CA ARG A 283 -6.28 16.62 -9.90
C ARG A 283 -7.58 16.09 -9.34
N GLU A 284 -8.54 15.77 -10.20
CA GLU A 284 -9.81 15.22 -9.76
C GLU A 284 -9.57 13.87 -9.08
N ARG A 285 -8.65 13.09 -9.64
CA ARG A 285 -8.31 11.79 -9.09
C ARG A 285 -7.55 11.91 -7.77
N LEU A 286 -6.56 12.79 -7.74
CA LEU A 286 -5.77 13.02 -6.54
C LEU A 286 -6.64 13.54 -5.40
N ALA A 287 -7.66 14.33 -5.77
CA ALA A 287 -8.54 14.95 -4.78
C ALA A 287 -9.38 13.88 -4.08
N ARG A 288 -9.90 12.95 -4.85
CA ARG A 288 -10.70 11.86 -4.28
C ARG A 288 -9.85 10.93 -3.42
N TRP A 289 -8.67 10.58 -3.93
CA TRP A 289 -7.77 9.68 -3.21
C TRP A 289 -7.35 10.28 -1.86
N PHE A 290 -6.80 11.49 -1.89
CA PHE A 290 -6.32 12.12 -0.66
C PHE A 290 -7.45 12.33 0.32
N GLY A 291 -8.60 12.77 -0.18
CA GLY A 291 -9.75 13.02 0.67
C GLY A 291 -10.18 11.79 1.45
N CYS A 292 -10.03 10.62 0.83
CA CYS A 292 -10.41 9.37 1.47
C CYS A 292 -9.37 8.92 2.49
N ILE A 293 -8.11 8.77 2.04
CA ILE A 293 -7.07 8.25 2.92
C ILE A 293 -6.80 9.17 4.11
N ILE A 294 -7.15 10.45 3.99
CA ILE A 294 -6.89 11.42 5.06
C ILE A 294 -8.04 11.48 6.07
N THR A 295 -9.23 11.03 5.67
CA THR A 295 -10.39 10.97 6.58
C THR A 295 -10.61 9.57 7.12
N GLU A 296 -9.81 8.61 6.63
CA GLU A 296 -9.94 7.22 7.05
C GLU A 296 -9.54 7.06 8.52
N PRO A 297 -10.29 6.24 9.28
CA PRO A 297 -9.92 6.01 10.68
C PRO A 297 -8.50 5.46 10.83
N ARG A 298 -7.66 6.17 11.57
CA ARG A 298 -6.24 5.84 11.65
C ARG A 298 -5.98 4.64 12.56
N ARG A 299 -6.86 4.44 13.53
CA ARG A 299 -6.70 3.38 14.52
C ARG A 299 -7.87 2.38 14.46
N GLY A 300 -7.96 1.50 15.44
CA GLY A 300 -8.93 0.41 15.40
C GLY A 300 -10.30 0.80 15.91
N LEU A 301 -10.73 2.03 15.59
CA LEU A 301 -11.98 2.58 16.09
C LEU A 301 -12.77 3.31 15.00
N PRO A 302 -13.63 2.58 14.26
CA PRO A 302 -14.52 3.19 13.26
C PRO A 302 -15.91 3.48 13.84
N PRO A 303 -16.74 4.25 13.11
CA PRO A 303 -18.10 4.57 13.57
C PRO A 303 -19.04 3.38 13.45
N GLU A 304 -20.27 3.52 13.95
CA GLU A 304 -21.21 2.39 13.98
C GLU A 304 -22.64 2.81 13.64
N PRO A 305 -23.31 2.06 12.73
CA PRO A 305 -24.72 2.30 12.44
C PRO A 305 -25.62 2.24 13.68
N PRO A 306 -26.60 3.15 13.80
CA PRO A 306 -27.59 3.07 14.88
C PRO A 306 -28.94 2.51 14.40
N GLY A 307 -29.59 1.70 15.25
CA GLY A 307 -30.91 1.17 14.97
C GLY A 307 -31.13 0.65 13.57
N ARG A 308 -32.18 1.14 12.91
CA ARG A 308 -32.45 0.84 11.52
C ARG A 308 -32.54 2.15 10.74
N PRO A 309 -32.46 2.08 9.40
CA PRO A 309 -32.52 3.33 8.63
C PRO A 309 -33.84 4.07 8.80
N LEU A 310 -33.76 5.30 9.27
CA LEU A 310 -34.91 6.18 9.29
C LEU A 310 -35.23 6.57 7.85
N SER A 311 -36.43 6.25 7.40
CA SER A 311 -36.80 6.47 6.01
C SER A 311 -36.72 7.95 5.63
N ALA A 312 -36.80 8.23 4.33
CA ALA A 312 -36.81 9.61 3.86
C ALA A 312 -37.96 10.39 4.48
N LYS A 313 -39.08 9.72 4.69
CA LYS A 313 -40.27 10.37 5.25
C LYS A 313 -40.05 10.77 6.71
N GLN A 314 -39.63 9.80 7.52
CA GLN A 314 -39.44 10.05 8.96
C GLN A 314 -38.34 11.07 9.16
N LEU A 315 -37.30 10.96 8.34
CA LEU A 315 -36.18 11.89 8.40
C LEU A 315 -36.64 13.31 8.10
N HIS A 316 -37.51 13.45 7.11
CA HIS A 316 -38.09 14.73 6.75
C HIS A 316 -38.90 15.30 7.90
N ARG A 317 -39.76 14.46 8.48
CA ARG A 317 -40.66 14.87 9.55
C ARG A 317 -39.92 15.13 10.86
N ARG A 318 -39.09 14.18 11.27
CA ARG A 318 -38.35 14.27 12.53
C ARG A 318 -37.49 15.53 12.56
N LEU A 319 -36.88 15.83 11.43
CA LEU A 319 -36.02 17.01 11.31
C LEU A 319 -36.87 18.27 11.36
N GLN A 320 -38.05 18.20 10.75
CA GLN A 320 -38.98 19.33 10.74
C GLN A 320 -39.53 19.65 12.12
N GLN A 321 -39.66 18.63 12.95
CA GLN A 321 -40.26 18.78 14.28
C GLN A 321 -39.27 19.33 15.31
N GLY A 322 -38.06 19.68 14.86
CA GLY A 322 -37.10 20.35 15.71
C GLY A 322 -35.89 19.52 16.08
N ALA A 323 -35.65 18.43 15.36
CA ALA A 323 -34.49 17.60 15.59
C ALA A 323 -33.24 18.25 15.01
N THR A 324 -32.08 17.87 15.55
CA THR A 324 -30.79 18.43 15.13
C THR A 324 -29.83 17.31 14.77
N LEU A 325 -28.94 17.57 13.81
CA LEU A 325 -27.93 16.61 13.41
C LEU A 325 -26.58 16.95 14.03
N ARG A 326 -25.87 15.92 14.47
CA ARG A 326 -24.56 16.09 15.12
C ARG A 326 -23.47 15.40 14.34
N ARG A 327 -22.30 16.03 14.28
CA ARG A 327 -21.15 15.45 13.61
C ARG A 327 -20.32 14.63 14.61
N ASN A 328 -20.28 13.32 14.40
CA ASN A 328 -19.59 12.43 15.32
C ASN A 328 -18.07 12.60 15.29
N ALA A 329 -17.50 12.58 14.09
CA ALA A 329 -16.07 12.76 13.92
C ALA A 329 -15.77 13.90 12.95
N ILE A 330 -15.55 15.09 13.49
CA ILE A 330 -15.20 16.25 12.69
C ILE A 330 -13.90 16.07 11.91
N PRO A 331 -12.87 15.46 12.52
CA PRO A 331 -11.62 15.24 11.78
C PRO A 331 -11.77 14.31 10.59
N GLU A 332 -12.84 13.52 10.57
CA GLU A 332 -13.07 12.58 9.47
C GLU A 332 -14.17 13.09 8.52
N LEU A 333 -14.35 14.41 8.49
CA LEU A 333 -15.27 15.06 7.55
C LEU A 333 -14.55 16.09 6.71
N ALA A 334 -14.64 15.95 5.39
CA ALA A 334 -14.05 16.92 4.48
C ALA A 334 -14.73 16.86 3.11
N TYR A 335 -14.36 17.79 2.24
CA TYR A 335 -14.90 17.80 0.88
C TYR A 335 -13.96 18.51 -0.08
N VAL A 336 -14.17 18.30 -1.38
CA VAL A 336 -13.48 19.07 -2.42
C VAL A 336 -14.44 19.50 -3.52
N ARG A 337 -14.17 20.68 -4.08
CA ARG A 337 -14.89 21.16 -5.25
C ARG A 337 -14.08 20.87 -6.49
N HIS A 338 -14.73 20.33 -7.52
CA HIS A 338 -14.04 20.00 -8.77
C HIS A 338 -14.22 21.09 -9.82
N ALA A 339 -13.51 20.95 -10.94
CA ALA A 339 -13.52 21.96 -11.98
C ALA A 339 -14.88 22.05 -12.69
N ASP A 340 -15.55 20.92 -12.86
CA ASP A 340 -16.81 20.90 -13.60
C ASP A 340 -18.00 21.34 -12.73
N GLY A 341 -17.73 21.57 -11.44
CA GLY A 341 -18.74 22.05 -10.53
C GLY A 341 -19.27 20.99 -9.58
N SER A 342 -18.96 19.73 -9.88
CA SER A 342 -19.31 18.64 -8.98
C SER A 342 -18.46 18.73 -7.73
N ALA A 343 -18.88 18.03 -6.68
CA ALA A 343 -18.11 17.97 -5.44
C ALA A 343 -18.09 16.54 -4.91
N THR A 344 -17.12 16.27 -4.04
CA THR A 344 -17.02 14.97 -3.38
C THR A 344 -16.92 15.17 -1.89
N LEU A 345 -17.86 14.57 -1.16
CA LEU A 345 -17.87 14.63 0.30
C LEU A 345 -17.15 13.41 0.85
N PHE A 346 -16.19 13.65 1.74
CA PHE A 346 -15.43 12.56 2.35
C PHE A 346 -15.86 12.38 3.80
N ALA A 347 -16.21 11.15 4.14
CA ALA A 347 -16.61 10.83 5.51
C ALA A 347 -16.05 9.47 5.93
N SER A 348 -15.14 9.50 6.89
CA SER A 348 -14.54 8.29 7.45
C SER A 348 -13.94 7.37 6.39
N GLY A 349 -13.37 7.98 5.35
CA GLY A 349 -12.63 7.24 4.33
C GLY A 349 -13.43 6.92 3.08
N GLU A 350 -14.74 7.13 3.13
CA GLU A 350 -15.61 6.90 1.99
C GLU A 350 -15.83 8.19 1.22
N ALA A 351 -16.08 8.07 -0.08
CA ALA A 351 -16.31 9.23 -0.94
C ALA A 351 -17.74 9.24 -1.45
N TYR A 352 -18.46 10.33 -1.16
CA TYR A 352 -19.83 10.50 -1.58
C TYR A 352 -19.91 11.59 -2.65
N GLU A 353 -20.24 11.18 -3.88
CA GLU A 353 -20.24 12.10 -5.02
C GLU A 353 -21.48 12.98 -5.01
N LEU A 354 -21.26 14.29 -5.24
CA LEU A 354 -22.35 15.26 -5.26
C LEU A 354 -22.44 15.95 -6.61
N SER A 355 -23.62 15.92 -7.22
CA SER A 355 -23.88 16.64 -8.47
C SER A 355 -23.73 18.13 -8.24
N PRO A 356 -23.42 18.90 -9.30
CA PRO A 356 -23.15 20.34 -9.14
C PRO A 356 -24.26 21.12 -8.43
N GLU A 357 -25.51 20.69 -8.56
CA GLU A 357 -26.61 21.36 -7.87
C GLU A 357 -26.55 21.05 -6.38
N LEU A 358 -26.36 19.77 -6.07
CA LEU A 358 -26.33 19.29 -4.69
C LEU A 358 -24.98 19.56 -4.02
N ALA A 359 -24.03 20.11 -4.77
CA ALA A 359 -22.66 20.27 -4.27
C ALA A 359 -22.54 21.31 -3.15
N ASP A 360 -23.46 22.28 -3.12
CA ASP A 360 -23.41 23.35 -2.13
C ASP A 360 -23.71 22.87 -0.71
N VAL A 361 -24.10 21.61 -0.55
CA VAL A 361 -24.40 21.07 0.77
C VAL A 361 -23.13 20.65 1.51
N ALA A 362 -22.06 20.40 0.75
CA ALA A 362 -20.82 19.88 1.34
C ALA A 362 -20.20 20.83 2.36
N PRO A 363 -20.08 22.13 2.03
CA PRO A 363 -19.58 23.05 3.04
C PRO A 363 -20.46 23.11 4.29
N LEU A 364 -21.77 23.05 4.09
CA LEU A 364 -22.72 23.14 5.20
C LEU A 364 -22.60 21.95 6.15
N LEU A 365 -22.51 20.76 5.59
CA LEU A 365 -22.45 19.54 6.40
C LEU A 365 -21.14 19.42 7.17
N THR A 366 -20.04 19.82 6.53
CA THR A 366 -18.72 19.71 7.13
C THR A 366 -18.32 20.99 7.84
N GLY A 367 -19.20 21.98 7.84
CA GLY A 367 -18.86 23.30 8.36
C GLY A 367 -18.94 23.42 9.86
N ARG A 368 -18.87 24.66 10.34
CA ARG A 368 -18.85 24.94 11.78
C ARG A 368 -20.23 25.41 12.25
N ARG A 369 -21.23 25.23 11.37
CA ARG A 369 -22.61 25.59 11.67
C ARG A 369 -23.37 24.46 12.37
N PRO A 370 -24.46 24.78 13.06
CA PRO A 370 -25.37 23.76 13.58
C PRO A 370 -26.30 23.24 12.49
N LEU A 371 -26.53 21.94 12.44
CA LEU A 371 -27.36 21.34 11.41
C LEU A 371 -28.80 21.18 11.90
N THR A 372 -29.63 22.19 11.63
CA THR A 372 -31.02 22.20 12.05
C THR A 372 -31.95 22.26 10.85
N ALA A 373 -33.25 22.28 11.10
CA ALA A 373 -34.24 22.42 10.03
C ALA A 373 -34.08 23.78 9.35
N GLU A 374 -33.67 24.77 10.14
CA GLU A 374 -33.49 26.13 9.65
C GLU A 374 -32.34 26.22 8.64
N THR A 375 -31.21 25.61 8.96
CA THR A 375 -30.02 25.71 8.13
C THR A 375 -30.06 24.80 6.90
N LEU A 376 -30.95 23.80 6.94
CA LEU A 376 -31.06 22.81 5.87
C LEU A 376 -32.23 23.08 4.92
N ARG A 377 -32.91 24.21 5.12
CA ARG A 377 -34.17 24.51 4.44
C ARG A 377 -34.19 24.26 2.92
N PRO A 378 -33.22 24.83 2.18
CA PRO A 378 -33.29 24.75 0.72
C PRO A 378 -33.27 23.32 0.18
N TRP A 379 -32.34 22.50 0.67
CA TRP A 379 -32.19 21.13 0.17
C TRP A 379 -33.14 20.16 0.86
N LEU A 380 -33.76 20.60 1.95
CA LEU A 380 -34.62 19.73 2.76
C LEU A 380 -35.76 19.12 1.94
N GLU A 381 -36.13 19.79 0.84
CA GLU A 381 -37.18 19.27 -0.05
C GLU A 381 -36.64 18.19 -0.97
N ARG A 382 -35.43 18.41 -1.49
CA ARG A 382 -34.85 17.53 -2.50
C ARG A 382 -34.72 16.09 -1.97
N ASP A 383 -35.06 15.13 -2.83
CA ASP A 383 -35.05 13.72 -2.46
C ASP A 383 -33.64 13.17 -2.33
N ASP A 384 -32.76 13.56 -3.25
CA ASP A 384 -31.39 13.05 -3.25
C ASP A 384 -30.63 13.47 -2.00
N PHE A 385 -30.98 14.64 -1.46
CA PHE A 385 -30.36 15.13 -0.23
C PHE A 385 -30.80 14.28 0.96
N LEU A 386 -32.09 13.94 1.00
CA LEU A 386 -32.61 13.08 2.05
C LEU A 386 -31.95 11.71 1.97
N GLU A 387 -31.74 11.23 0.75
CA GLU A 387 -31.11 9.94 0.53
C GLU A 387 -29.65 9.97 0.98
N LEU A 388 -29.02 11.14 0.89
CA LEU A 388 -27.65 11.30 1.34
C LEU A 388 -27.57 11.27 2.86
N LEU A 389 -28.48 11.97 3.51
CA LEU A 389 -28.53 11.99 4.97
C LEU A 389 -28.84 10.60 5.53
N GLN A 390 -29.66 9.85 4.80
CA GLN A 390 -29.96 8.47 5.16
C GLN A 390 -28.67 7.65 5.24
N THR A 391 -27.92 7.66 4.15
CA THR A 391 -26.69 6.87 4.06
C THR A 391 -25.61 7.35 5.03
N LEU A 392 -25.61 8.65 5.34
CA LEU A 392 -24.62 9.19 6.28
C LEU A 392 -24.97 8.82 7.72
N ILE A 393 -26.26 8.85 8.05
CA ILE A 393 -26.71 8.40 9.36
C ILE A 393 -26.52 6.89 9.47
N HIS A 394 -26.78 6.19 8.37
CA HIS A 394 -26.60 4.75 8.31
C HIS A 394 -25.16 4.35 8.63
N SER A 395 -24.20 5.01 7.98
CA SER A 395 -22.79 4.70 8.20
C SER A 395 -22.29 5.22 9.55
N GLY A 396 -23.12 6.01 10.23
CA GLY A 396 -22.79 6.50 11.55
C GLY A 396 -21.96 7.77 11.53
N ILE A 397 -21.96 8.47 10.40
CA ILE A 397 -21.20 9.70 10.25
C ILE A 397 -21.93 10.86 10.93
N LEU A 398 -23.26 10.84 10.84
CA LEU A 398 -24.10 11.84 11.50
C LEU A 398 -25.09 11.19 12.46
N SER A 399 -25.29 11.83 13.61
CA SER A 399 -26.29 11.41 14.58
C SER A 399 -27.35 12.49 14.73
N LEU A 400 -28.62 12.10 14.72
CA LEU A 400 -29.70 13.07 14.91
C LEU A 400 -30.17 13.03 16.36
N ILE A 401 -30.55 14.20 16.87
CA ILE A 401 -30.96 14.33 18.26
C ILE A 401 -32.19 15.23 18.39
N PRO A 402 -33.25 14.73 19.07
CA PRO A 402 -34.44 15.58 19.25
C PRO A 402 -34.27 16.62 20.35
N ALA A 403 -35.10 17.65 20.31
CA ALA A 403 -35.05 18.71 21.31
C ALA A 403 -36.07 18.45 22.42
N GLN B 16 20.52 -29.02 -26.79
CA GLN B 16 19.37 -29.53 -27.52
C GLN B 16 18.23 -28.51 -27.57
N LEU B 17 18.58 -27.24 -27.38
CA LEU B 17 17.62 -26.14 -27.48
C LEU B 17 18.07 -25.12 -28.52
N PRO B 18 17.12 -24.59 -29.32
CA PRO B 18 17.48 -23.50 -30.25
C PRO B 18 18.01 -22.27 -29.51
N GLU B 19 18.81 -21.46 -30.18
CA GLU B 19 19.37 -20.26 -29.57
C GLU B 19 18.25 -19.31 -29.21
N THR B 20 17.21 -19.26 -30.05
CA THR B 20 16.00 -18.50 -29.76
C THR B 20 14.77 -19.25 -30.25
N ILE B 21 13.61 -18.84 -29.76
CA ILE B 21 12.32 -19.34 -30.24
C ILE B 21 12.05 -18.65 -31.59
N LEU B 22 10.79 -18.64 -32.03
CA LEU B 22 10.34 -17.89 -33.22
C LEU B 22 10.48 -18.70 -34.52
N GLY B 23 10.85 -19.97 -34.42
CA GLY B 23 11.03 -20.78 -35.61
C GLY B 23 12.14 -20.23 -36.48
N GLY B 24 11.79 -19.78 -37.68
CA GLY B 24 12.75 -19.22 -38.61
C GLY B 24 12.93 -17.72 -38.47
N LEU B 25 11.98 -17.07 -37.79
CA LEU B 25 11.99 -15.62 -37.65
C LEU B 25 13.11 -15.13 -36.73
N ALA B 26 13.68 -13.99 -37.08
CA ALA B 26 14.63 -13.30 -36.21
C ALA B 26 13.84 -12.43 -35.23
N PRO B 27 14.37 -12.24 -34.01
CA PRO B 27 13.65 -11.51 -32.95
C PRO B 27 13.20 -10.11 -33.36
N GLU B 28 14.07 -9.37 -34.04
CA GLU B 28 13.75 -8.02 -34.48
C GLU B 28 12.52 -8.01 -35.40
N GLU B 29 12.33 -9.07 -36.17
CA GLU B 29 11.18 -9.16 -37.06
C GLU B 29 9.92 -9.49 -36.26
N PHE B 30 10.08 -10.36 -35.26
CA PHE B 30 8.98 -10.72 -34.38
C PHE B 30 8.50 -9.52 -33.57
N LEU B 31 9.45 -8.80 -32.97
CA LEU B 31 9.11 -7.65 -32.15
C LEU B 31 8.55 -6.50 -32.98
N ALA B 32 8.90 -6.46 -34.26
CA ALA B 32 8.48 -5.39 -35.16
C ALA B 32 7.07 -5.60 -35.69
N ASN B 33 6.63 -6.86 -35.77
CA ASN B 33 5.39 -7.20 -36.47
C ASN B 33 4.33 -7.86 -35.58
N TYR B 34 4.74 -8.66 -34.61
CA TYR B 34 3.81 -9.49 -33.84
C TYR B 34 3.70 -9.06 -32.38
N TRP B 35 4.85 -8.81 -31.75
CA TRP B 35 4.92 -8.50 -30.32
C TRP B 35 3.97 -7.39 -29.90
N GLN B 36 3.00 -7.73 -29.06
CA GLN B 36 2.00 -6.79 -28.56
C GLN B 36 1.16 -6.20 -29.70
N LYS B 37 0.97 -6.98 -30.75
CA LYS B 37 0.21 -6.53 -31.92
C LYS B 37 -0.76 -7.61 -32.41
N ARG B 38 -0.22 -8.73 -32.87
CA ARG B 38 -1.05 -9.80 -33.42
C ARG B 38 -0.49 -11.18 -33.07
N PRO B 39 -1.36 -12.21 -32.99
CA PRO B 39 -0.91 -13.55 -32.60
C PRO B 39 0.07 -14.18 -33.59
N LEU B 40 0.63 -15.32 -33.22
CA LEU B 40 1.53 -16.05 -34.12
C LEU B 40 1.60 -17.53 -33.74
N LEU B 41 1.35 -18.38 -34.73
CA LEU B 41 1.48 -19.83 -34.57
C LEU B 41 2.81 -20.30 -35.15
N ILE B 42 3.64 -20.88 -34.29
CA ILE B 42 4.94 -21.40 -34.72
C ILE B 42 4.95 -22.92 -34.60
N ARG B 43 4.84 -23.59 -35.74
CA ARG B 43 4.89 -25.05 -35.78
C ARG B 43 6.32 -25.54 -35.58
N GLN B 44 6.49 -26.42 -34.60
CA GLN B 44 7.80 -26.96 -34.25
C GLN B 44 8.82 -25.86 -34.01
N ALA B 45 8.50 -24.95 -33.10
CA ALA B 45 9.44 -23.92 -32.67
C ALA B 45 10.63 -24.60 -31.99
N LEU B 46 10.33 -25.69 -31.28
CA LEU B 46 11.35 -26.50 -30.62
C LEU B 46 11.44 -27.87 -31.30
N PRO B 47 12.39 -28.03 -32.24
CA PRO B 47 12.45 -29.24 -33.06
C PRO B 47 12.74 -30.50 -32.25
N GLY B 48 11.66 -31.14 -31.81
CA GLY B 48 11.77 -32.33 -31.00
C GLY B 48 12.03 -31.91 -29.56
N PHE B 49 11.15 -32.31 -28.66
CA PHE B 49 11.23 -31.86 -27.28
C PHE B 49 10.08 -32.43 -26.45
N ARG B 50 10.35 -32.67 -25.18
CA ARG B 50 9.32 -33.14 -24.27
C ARG B 50 9.60 -32.56 -22.89
N SER B 51 8.58 -32.54 -22.05
CA SER B 51 8.73 -32.00 -20.70
C SER B 51 9.79 -32.76 -19.92
N PRO B 52 10.76 -32.02 -19.34
CA PRO B 52 11.66 -32.69 -18.38
C PRO B 52 10.89 -33.19 -17.16
N ILE B 53 9.66 -32.69 -16.99
CA ILE B 53 8.78 -33.10 -15.90
C ILE B 53 7.66 -33.99 -16.45
N THR B 54 7.27 -34.99 -15.69
CA THR B 54 6.14 -35.84 -16.07
C THR B 54 4.86 -35.31 -15.44
N PRO B 55 3.69 -35.73 -15.97
CA PRO B 55 2.42 -35.35 -15.34
C PRO B 55 2.36 -35.79 -13.88
N GLU B 56 2.94 -36.94 -13.57
CA GLU B 56 2.97 -37.44 -12.19
C GLU B 56 3.89 -36.58 -11.33
N GLU B 57 5.01 -36.16 -11.91
CA GLU B 57 5.97 -35.32 -11.20
C GLU B 57 5.39 -33.93 -10.96
N LEU B 58 4.67 -33.40 -11.95
CA LEU B 58 4.00 -32.11 -11.81
C LEU B 58 2.95 -32.18 -10.71
N ALA B 59 2.27 -33.33 -10.61
CA ALA B 59 1.26 -33.54 -9.59
C ALA B 59 1.89 -33.55 -8.21
N GLY B 60 3.03 -34.23 -8.08
CA GLY B 60 3.75 -34.25 -6.82
C GLY B 60 4.31 -32.88 -6.49
N LEU B 61 4.68 -32.14 -7.53
CA LEU B 61 5.21 -30.79 -7.36
C LEU B 61 4.12 -29.84 -6.89
N ALA B 62 2.87 -30.15 -7.22
CA ALA B 62 1.73 -29.34 -6.80
C ALA B 62 1.44 -29.55 -5.31
N CYS B 63 1.97 -30.62 -4.74
CA CYS B 63 1.75 -30.94 -3.34
C CYS B 63 2.79 -30.28 -2.43
N GLU B 64 3.88 -29.79 -3.05
CA GLU B 64 4.95 -29.16 -2.29
C GLU B 64 4.46 -27.91 -1.55
N GLU B 65 5.03 -27.69 -0.38
CA GLU B 65 4.62 -26.58 0.48
C GLU B 65 5.09 -25.25 -0.10
N GLY B 66 4.17 -24.30 -0.20
CA GLY B 66 4.49 -22.95 -0.67
C GLY B 66 4.24 -22.73 -2.14
N VAL B 67 4.01 -23.81 -2.88
CA VAL B 67 3.76 -23.70 -4.32
C VAL B 67 2.34 -23.26 -4.60
N THR B 68 2.18 -22.39 -5.59
CA THR B 68 0.86 -21.94 -6.01
C THR B 68 0.35 -22.85 -7.12
N ALA B 69 -0.66 -23.66 -6.81
CA ALA B 69 -1.24 -24.58 -7.77
C ALA B 69 -2.76 -24.57 -7.67
N ARG B 70 -3.42 -24.80 -8.79
CA ARG B 70 -4.88 -24.73 -8.86
C ARG B 70 -5.48 -25.90 -9.64
N LEU B 71 -6.55 -26.46 -9.10
CA LEU B 71 -7.30 -27.53 -9.78
C LEU B 71 -8.67 -27.01 -10.21
N ILE B 72 -8.88 -26.94 -11.52
CA ILE B 72 -10.14 -26.46 -12.07
C ILE B 72 -10.95 -27.59 -12.68
N LEU B 73 -12.13 -27.83 -12.12
CA LEU B 73 -13.04 -28.86 -12.63
C LEU B 73 -14.17 -28.23 -13.43
N GLU B 74 -14.08 -28.34 -14.75
CA GLU B 74 -15.15 -27.89 -15.63
C GLU B 74 -16.42 -28.66 -15.33
N LYS B 75 -16.28 -29.97 -15.18
CA LYS B 75 -17.38 -30.86 -14.85
C LYS B 75 -16.90 -31.97 -13.93
N GLY B 76 -17.83 -32.64 -13.27
CA GLY B 76 -17.49 -33.72 -12.35
C GLY B 76 -17.20 -33.23 -10.95
N GLY B 77 -17.14 -31.91 -10.77
CA GLY B 77 -16.93 -31.32 -9.47
C GLY B 77 -18.24 -31.13 -8.74
N ALA B 78 -18.20 -30.41 -7.62
CA ALA B 78 -19.39 -30.12 -6.85
C ALA B 78 -20.36 -29.27 -7.67
N TYR B 79 -19.82 -28.25 -8.33
CA TYR B 79 -20.58 -27.40 -9.22
C TYR B 79 -19.71 -27.08 -10.44
N PRO B 80 -20.34 -26.71 -11.57
CA PRO B 80 -19.55 -26.47 -12.78
C PRO B 80 -18.50 -25.38 -12.60
N TRP B 81 -17.30 -25.62 -13.14
CA TRP B 81 -16.17 -24.72 -12.99
C TRP B 81 -15.83 -24.48 -11.52
N GLU B 82 -15.50 -25.55 -10.80
CA GLU B 82 -15.06 -25.42 -9.42
C GLU B 82 -13.55 -25.21 -9.39
N VAL B 83 -13.09 -24.35 -8.49
CA VAL B 83 -11.67 -24.06 -8.35
C VAL B 83 -11.18 -24.37 -6.94
N ARG B 84 -10.42 -25.46 -6.82
CA ARG B 84 -9.78 -25.83 -5.55
C ARG B 84 -8.30 -25.45 -5.60
N TYR B 85 -7.82 -24.82 -4.54
CA TYR B 85 -6.47 -24.26 -4.51
C TYR B 85 -5.51 -25.14 -3.71
N GLY B 86 -4.24 -25.11 -4.10
CA GLY B 86 -3.20 -25.86 -3.42
C GLY B 86 -2.73 -25.14 -2.17
N PRO B 87 -1.71 -25.69 -1.51
CA PRO B 87 -1.03 -26.94 -1.88
C PRO B 87 -1.90 -28.18 -1.64
N PHE B 88 -1.75 -29.18 -2.50
CA PHE B 88 -2.55 -30.38 -2.43
C PHE B 88 -1.82 -31.52 -1.74
N GLU B 89 -2.43 -32.70 -1.77
CA GLU B 89 -1.81 -33.93 -1.30
C GLU B 89 -2.33 -35.08 -2.17
N PRO B 90 -1.57 -36.19 -2.24
CA PRO B 90 -1.91 -37.31 -3.13
C PRO B 90 -3.36 -37.79 -2.99
N GLU B 91 -3.96 -37.54 -1.84
CA GLU B 91 -5.35 -37.90 -1.59
C GLU B 91 -6.30 -37.20 -2.57
N ASP B 92 -5.99 -35.95 -2.88
CA ASP B 92 -6.84 -35.15 -3.77
C ASP B 92 -6.79 -35.62 -5.22
N PHE B 93 -5.76 -36.42 -5.55
CA PHE B 93 -5.53 -36.81 -6.94
C PHE B 93 -6.15 -38.15 -7.30
N VAL B 94 -6.65 -38.88 -6.31
CA VAL B 94 -7.35 -40.13 -6.56
C VAL B 94 -8.80 -39.84 -6.90
N ALA B 95 -9.41 -38.92 -6.16
CA ALA B 95 -10.82 -38.59 -6.34
C ALA B 95 -10.98 -37.46 -7.36
N LEU B 96 -10.78 -37.80 -8.62
CA LEU B 96 -11.04 -36.89 -9.73
C LEU B 96 -11.56 -37.70 -10.93
N PRO B 97 -12.50 -37.13 -11.71
CA PRO B 97 -12.89 -37.86 -12.92
C PRO B 97 -11.72 -38.05 -13.88
N PRO B 98 -11.83 -39.04 -14.78
CA PRO B 98 -10.76 -39.24 -15.77
C PRO B 98 -10.80 -38.20 -16.90
N THR B 99 -11.83 -37.36 -16.93
CA THR B 99 -11.99 -36.37 -18.00
C THR B 99 -12.55 -35.05 -17.49
N HIS B 100 -12.36 -33.99 -18.28
CA HIS B 100 -12.94 -32.67 -18.02
C HIS B 100 -12.46 -32.04 -16.70
N TRP B 101 -11.14 -31.92 -16.55
CA TRP B 101 -10.56 -31.11 -15.49
C TRP B 101 -9.12 -30.77 -15.86
N THR B 102 -8.52 -29.83 -15.14
CA THR B 102 -7.15 -29.39 -15.45
C THR B 102 -6.41 -28.87 -14.22
N LEU B 103 -5.13 -29.21 -14.16
CA LEU B 103 -4.25 -28.75 -13.09
C LEU B 103 -3.31 -27.66 -13.60
N LEU B 104 -3.03 -26.67 -12.76
CA LEU B 104 -2.16 -25.55 -13.11
C LEU B 104 -1.15 -25.30 -12.01
N VAL B 105 0.12 -25.18 -12.39
CA VAL B 105 1.20 -24.93 -11.42
C VAL B 105 2.06 -23.75 -11.88
N GLN B 106 2.11 -22.72 -11.05
CA GLN B 106 2.85 -21.50 -11.36
C GLN B 106 4.32 -21.59 -10.97
N GLU B 107 5.15 -20.76 -11.63
CA GLU B 107 6.55 -20.59 -11.26
C GLU B 107 7.33 -21.90 -11.25
N VAL B 108 7.13 -22.73 -12.28
CA VAL B 108 7.83 -24.00 -12.38
C VAL B 108 9.30 -23.77 -12.75
N ASP B 109 9.58 -22.65 -13.41
CA ASP B 109 10.95 -22.30 -13.79
C ASP B 109 11.79 -22.02 -12.54
N ARG B 110 11.12 -21.59 -11.48
CA ARG B 110 11.79 -21.35 -10.20
C ARG B 110 12.12 -22.68 -9.53
N LEU B 111 11.22 -23.64 -9.67
CA LEU B 111 11.32 -24.92 -8.99
C LEU B 111 12.24 -25.91 -9.71
N VAL B 112 12.17 -25.92 -11.04
CA VAL B 112 12.91 -26.88 -11.85
C VAL B 112 13.90 -26.16 -12.78
N PRO B 113 15.21 -26.33 -12.56
CA PRO B 113 16.22 -25.72 -13.43
C PRO B 113 16.08 -26.07 -14.92
N GLU B 114 15.49 -27.23 -15.21
CA GLU B 114 15.32 -27.67 -16.58
C GLU B 114 14.31 -26.81 -17.32
N VAL B 115 13.33 -26.29 -16.59
CA VAL B 115 12.33 -25.41 -17.16
C VAL B 115 12.87 -23.99 -17.28
N ALA B 116 13.86 -23.66 -16.45
CA ALA B 116 14.54 -22.38 -16.54
C ALA B 116 15.43 -22.35 -17.78
N ALA B 117 15.86 -23.52 -18.23
CA ALA B 117 16.65 -23.62 -19.45
C ALA B 117 15.82 -23.22 -20.65
N LEU B 118 14.51 -23.40 -20.55
CA LEU B 118 13.59 -22.98 -21.60
C LEU B 118 13.46 -21.46 -21.62
N LEU B 119 13.71 -20.84 -20.47
CA LEU B 119 13.66 -19.39 -20.34
C LEU B 119 14.76 -18.72 -21.16
N GLU B 120 15.77 -19.50 -21.54
CA GLU B 120 16.93 -18.97 -22.26
C GLU B 120 16.64 -18.68 -23.74
N THR B 121 15.44 -19.02 -24.20
CA THR B 121 15.09 -18.85 -25.61
C THR B 121 14.50 -17.46 -25.90
N VAL B 122 13.79 -16.90 -24.91
CA VAL B 122 13.09 -15.63 -25.07
C VAL B 122 13.86 -14.44 -24.51
N ARG B 123 15.19 -14.52 -24.56
CA ARG B 123 16.05 -13.54 -23.91
C ARG B 123 16.23 -12.25 -24.72
N PHE B 124 15.39 -12.07 -25.74
CA PHE B 124 15.37 -10.81 -26.50
C PHE B 124 14.34 -9.85 -25.91
N VAL B 125 13.73 -10.25 -24.80
CA VAL B 125 12.88 -9.38 -24.02
C VAL B 125 13.54 -9.19 -22.66
N PRO B 126 13.53 -7.97 -22.11
CA PRO B 126 14.24 -7.73 -20.84
C PRO B 126 13.77 -8.65 -19.71
N ASN B 127 14.67 -8.92 -18.77
CA ASN B 127 14.39 -9.82 -17.66
C ASN B 127 13.17 -9.41 -16.86
N TRP B 128 13.03 -8.11 -16.59
CA TRP B 128 11.97 -7.64 -15.71
C TRP B 128 10.59 -7.77 -16.36
N ARG B 129 10.55 -7.96 -17.68
CA ARG B 129 9.29 -8.17 -18.38
C ARG B 129 8.79 -9.61 -18.19
N LEU B 130 9.70 -10.51 -17.84
CA LEU B 130 9.34 -11.90 -17.55
C LEU B 130 8.66 -12.02 -16.20
N ASP B 131 7.64 -12.86 -16.13
CA ASP B 131 7.02 -13.23 -14.86
C ASP B 131 7.47 -14.63 -14.47
N ASP B 132 6.97 -15.63 -15.19
CA ASP B 132 7.26 -17.02 -14.86
C ASP B 132 6.78 -17.97 -15.95
N ILE B 133 7.19 -19.23 -15.84
CA ILE B 133 6.61 -20.31 -16.63
C ILE B 133 5.69 -21.12 -15.74
N MET B 134 4.40 -21.15 -16.09
CA MET B 134 3.46 -22.04 -15.40
C MET B 134 3.18 -23.24 -16.32
N VAL B 135 3.18 -24.42 -15.74
CA VAL B 135 2.90 -25.65 -16.48
C VAL B 135 1.54 -26.18 -16.09
N SER B 136 0.77 -26.61 -17.09
CA SER B 136 -0.56 -27.16 -16.87
C SER B 136 -0.61 -28.61 -17.29
N TYR B 137 -1.58 -29.35 -16.76
CA TYR B 137 -1.87 -30.70 -17.23
C TYR B 137 -3.38 -30.91 -17.33
N ALA B 138 -3.81 -31.64 -18.35
CA ALA B 138 -5.22 -31.95 -18.50
C ALA B 138 -5.42 -33.28 -19.23
N PRO B 139 -6.28 -34.16 -18.70
CA PRO B 139 -6.67 -35.34 -19.47
C PRO B 139 -7.71 -35.00 -20.54
N GLU B 140 -8.26 -36.02 -21.19
CA GLU B 140 -9.21 -35.83 -22.30
C GLU B 140 -10.40 -34.97 -21.86
N GLY B 141 -10.65 -33.89 -22.60
CA GLY B 141 -11.77 -33.01 -22.35
C GLY B 141 -11.44 -31.83 -21.45
N GLY B 142 -10.35 -31.93 -20.70
CA GLY B 142 -9.97 -30.90 -19.74
C GLY B 142 -9.68 -29.56 -20.37
N THR B 143 -10.12 -28.49 -19.71
CA THR B 143 -9.89 -27.14 -20.21
C THR B 143 -9.99 -26.12 -19.08
N VAL B 144 -9.43 -24.94 -19.32
CA VAL B 144 -9.55 -23.81 -18.39
C VAL B 144 -10.69 -22.88 -18.82
N GLY B 145 -11.12 -23.01 -20.07
CA GLY B 145 -12.23 -22.24 -20.60
C GLY B 145 -11.76 -21.09 -21.48
N ALA B 146 -12.72 -20.41 -22.10
CA ALA B 146 -12.43 -19.26 -22.95
C ALA B 146 -12.20 -18.02 -22.09
N HIS B 147 -11.06 -17.36 -22.27
CA HIS B 147 -10.70 -16.21 -21.44
C HIS B 147 -9.64 -15.33 -22.07
N ILE B 148 -9.29 -14.25 -21.38
CA ILE B 148 -8.24 -13.34 -21.82
C ILE B 148 -7.22 -13.13 -20.70
N ASP B 149 -6.02 -12.71 -21.10
CA ASP B 149 -4.95 -12.38 -20.17
C ASP B 149 -4.28 -11.09 -20.56
N ASN B 150 -3.80 -10.34 -19.58
CA ASN B 150 -3.04 -9.12 -19.84
C ASN B 150 -1.57 -9.46 -20.11
N TYR B 151 -1.25 -10.75 -20.11
CA TYR B 151 0.10 -11.23 -20.39
C TYR B 151 0.38 -11.26 -21.89
N ASP B 152 1.65 -11.09 -22.25
CA ASP B 152 2.17 -11.66 -23.49
C ASP B 152 2.54 -13.09 -23.14
N VAL B 153 2.04 -14.06 -23.91
CA VAL B 153 2.23 -15.47 -23.55
C VAL B 153 2.66 -16.32 -24.73
N PHE B 154 3.65 -17.19 -24.49
CA PHE B 154 4.04 -18.24 -25.43
C PHE B 154 3.50 -19.58 -24.94
N LEU B 155 2.48 -20.09 -25.62
CA LEU B 155 1.86 -21.35 -25.23
C LEU B 155 2.57 -22.52 -25.88
N VAL B 156 3.44 -23.18 -25.11
CA VAL B 156 4.25 -24.28 -25.64
C VAL B 156 3.64 -25.64 -25.33
N GLN B 157 3.17 -26.32 -26.37
CA GLN B 157 2.64 -27.67 -26.20
C GLN B 157 3.78 -28.63 -25.91
N ALA B 158 3.68 -29.35 -24.79
CA ALA B 158 4.78 -30.18 -24.28
C ALA B 158 4.46 -31.67 -24.28
N TRP B 159 3.18 -32.01 -24.46
CA TRP B 159 2.74 -33.40 -24.46
C TRP B 159 1.28 -33.44 -24.92
N GLY B 160 0.86 -34.56 -25.48
CA GLY B 160 -0.50 -34.68 -25.98
C GLY B 160 -0.81 -33.66 -27.06
N ARG B 161 -2.10 -33.48 -27.37
CA ARG B 161 -2.54 -32.47 -28.33
C ARG B 161 -3.67 -31.63 -27.76
N ARG B 162 -3.56 -30.31 -27.95
CA ARG B 162 -4.56 -29.37 -27.46
C ARG B 162 -5.18 -28.57 -28.60
N ARG B 163 -6.50 -28.44 -28.56
CA ARG B 163 -7.23 -27.64 -29.54
C ARG B 163 -7.35 -26.20 -29.07
N TRP B 164 -6.69 -25.28 -29.78
CA TRP B 164 -6.72 -23.87 -29.44
C TRP B 164 -7.59 -23.07 -30.40
N GLN B 165 -8.65 -22.48 -29.87
CA GLN B 165 -9.48 -21.54 -30.61
C GLN B 165 -9.19 -20.13 -30.13
N ILE B 166 -9.02 -19.19 -31.05
CA ILE B 166 -8.75 -17.80 -30.69
C ILE B 166 -9.53 -16.82 -31.56
N ASN B 167 -9.36 -15.53 -31.27
CA ASN B 167 -9.95 -14.45 -32.07
C ASN B 167 -8.90 -13.35 -32.22
N HIS B 168 -8.64 -12.95 -33.46
CA HIS B 168 -7.52 -12.06 -33.76
C HIS B 168 -7.71 -10.63 -33.23
N ARG B 169 -8.92 -10.28 -32.82
CA ARG B 169 -9.19 -8.94 -32.33
C ARG B 169 -8.99 -8.86 -30.81
N PRO B 170 -8.17 -7.91 -30.35
CA PRO B 170 -8.07 -7.71 -28.89
C PRO B 170 -9.39 -7.20 -28.33
N VAL B 171 -9.74 -7.60 -27.11
CA VAL B 171 -11.00 -7.18 -26.52
C VAL B 171 -10.78 -5.98 -25.59
N GLU B 172 -11.73 -5.07 -25.60
CA GLU B 172 -11.70 -3.92 -24.70
C GLU B 172 -12.63 -4.20 -23.52
N ARG B 173 -13.92 -4.31 -23.81
CA ARG B 173 -14.90 -4.69 -22.80
C ARG B 173 -14.83 -6.19 -22.55
N GLU B 174 -14.91 -6.57 -21.28
CA GLU B 174 -14.85 -7.99 -20.91
C GLU B 174 -16.22 -8.49 -20.45
N GLU B 175 -16.89 -9.22 -21.34
CA GLU B 175 -18.13 -9.92 -20.97
C GLU B 175 -17.74 -11.11 -20.11
N LEU B 176 -18.32 -11.18 -18.92
CA LEU B 176 -17.91 -12.14 -17.90
C LEU B 176 -19.08 -12.99 -17.42
N VAL B 177 -18.78 -14.16 -16.87
CA VAL B 177 -19.81 -15.05 -16.32
C VAL B 177 -19.91 -14.81 -14.81
N PRO B 178 -21.13 -14.63 -14.28
CA PRO B 178 -21.30 -14.23 -12.87
C PRO B 178 -20.82 -15.25 -11.84
N GLY B 179 -20.01 -14.78 -10.89
CA GLY B 179 -19.62 -15.56 -9.72
C GLY B 179 -19.10 -16.95 -10.02
N LEU B 180 -18.05 -17.03 -10.84
CA LEU B 180 -17.49 -18.32 -11.26
C LEU B 180 -16.20 -18.71 -10.56
N GLU B 181 -15.64 -17.78 -9.77
CA GLU B 181 -14.29 -17.96 -9.22
C GLU B 181 -13.25 -18.08 -10.34
N VAL B 182 -13.64 -17.65 -11.54
CA VAL B 182 -12.76 -17.65 -12.71
C VAL B 182 -13.12 -16.47 -13.59
N ARG B 183 -12.17 -16.02 -14.40
CA ARG B 183 -12.44 -15.01 -15.42
C ARG B 183 -12.63 -15.68 -16.77
N LEU B 184 -13.88 -15.96 -17.12
CA LEU B 184 -14.22 -16.65 -18.35
C LEU B 184 -15.24 -15.84 -19.15
N LEU B 185 -14.97 -15.71 -20.45
CA LEU B 185 -15.82 -14.90 -21.32
C LEU B 185 -17.23 -15.48 -21.45
N ALA B 186 -18.22 -14.61 -21.36
CA ALA B 186 -19.61 -15.02 -21.55
C ALA B 186 -19.85 -15.42 -23.01
N HIS B 187 -19.55 -14.50 -23.93
CA HIS B 187 -19.62 -14.78 -25.35
C HIS B 187 -18.21 -14.93 -25.92
N PHE B 188 -18.04 -15.90 -26.81
CA PHE B 188 -16.77 -16.11 -27.49
C PHE B 188 -16.97 -16.70 -28.88
N GLU B 189 -16.58 -15.94 -29.89
CA GLU B 189 -16.73 -16.37 -31.28
C GLU B 189 -15.35 -16.50 -31.94
N PRO B 190 -14.82 -17.73 -32.03
CA PRO B 190 -13.47 -17.92 -32.59
C PRO B 190 -13.40 -17.76 -34.11
N ASP B 191 -12.31 -17.14 -34.58
CA ASP B 191 -12.08 -17.01 -36.02
C ASP B 191 -10.94 -17.92 -36.51
N ALA B 192 -10.27 -18.57 -35.57
CA ALA B 192 -9.17 -19.47 -35.91
C ALA B 192 -9.09 -20.64 -34.92
N GLU B 193 -8.93 -21.84 -35.46
CA GLU B 193 -8.78 -23.05 -34.65
C GLU B 193 -7.52 -23.79 -35.07
N TRP B 194 -6.76 -24.27 -34.09
CA TRP B 194 -5.56 -25.05 -34.36
C TRP B 194 -5.44 -26.24 -33.42
N ILE B 195 -4.57 -27.18 -33.79
CA ILE B 195 -4.28 -28.36 -32.99
C ILE B 195 -2.78 -28.47 -32.78
N LEU B 196 -2.32 -28.04 -31.62
CA LEU B 196 -0.89 -28.04 -31.33
C LEU B 196 -0.41 -29.40 -30.84
N GLU B 197 0.68 -29.87 -31.43
CA GLU B 197 1.34 -31.09 -30.99
C GLU B 197 2.67 -30.72 -30.36
N PRO B 198 3.28 -31.64 -29.60
CA PRO B 198 4.50 -31.31 -28.85
C PRO B 198 5.60 -30.68 -29.73
N GLY B 199 6.13 -29.56 -29.27
CA GLY B 199 7.12 -28.81 -30.01
C GLY B 199 6.55 -27.52 -30.57
N ASP B 200 5.24 -27.51 -30.82
CA ASP B 200 4.57 -26.33 -31.32
C ASP B 200 4.51 -25.24 -30.26
N VAL B 201 4.41 -23.99 -30.70
CA VAL B 201 4.24 -22.87 -29.79
C VAL B 201 3.28 -21.84 -30.38
N LEU B 202 2.39 -21.33 -29.53
CA LEU B 202 1.38 -20.37 -29.93
C LEU B 202 1.54 -19.07 -29.13
N TYR B 203 1.97 -18.01 -29.80
CA TYR B 203 2.10 -16.71 -29.15
C TYR B 203 0.79 -15.94 -29.18
N LEU B 204 0.48 -15.28 -28.07
CA LEU B 204 -0.68 -14.40 -27.99
C LEU B 204 -0.28 -13.07 -27.35
N PRO B 205 -0.57 -11.95 -28.03
CA PRO B 205 -0.36 -10.66 -27.35
C PRO B 205 -1.44 -10.44 -26.30
N PRO B 206 -1.35 -9.34 -25.54
CA PRO B 206 -2.31 -9.12 -24.45
C PRO B 206 -3.75 -9.02 -24.92
N ARG B 207 -4.65 -9.60 -24.13
CA ARG B 207 -6.10 -9.47 -24.33
C ARG B 207 -6.63 -10.16 -25.59
N ILE B 208 -5.89 -11.15 -26.10
CA ILE B 208 -6.40 -11.98 -27.19
C ILE B 208 -7.16 -13.16 -26.60
N PRO B 209 -8.47 -13.28 -26.91
CA PRO B 209 -9.24 -14.37 -26.31
C PRO B 209 -8.84 -15.73 -26.88
N HIS B 210 -8.74 -16.73 -26.01
CA HIS B 210 -8.30 -18.06 -26.42
C HIS B 210 -9.02 -19.14 -25.61
N TYR B 211 -9.28 -20.27 -26.25
CA TYR B 211 -9.99 -21.39 -25.62
C TYR B 211 -9.28 -22.71 -25.88
N GLY B 212 -8.45 -23.13 -24.93
CA GLY B 212 -7.70 -24.37 -25.05
C GLY B 212 -8.46 -25.58 -24.50
N VAL B 213 -8.51 -26.64 -25.29
CA VAL B 213 -9.17 -27.88 -24.89
C VAL B 213 -8.27 -29.07 -25.21
N ALA B 214 -8.12 -29.96 -24.23
CA ALA B 214 -7.24 -31.11 -24.38
C ALA B 214 -7.92 -32.24 -25.15
N LEU B 215 -7.24 -32.75 -26.16
CA LEU B 215 -7.72 -33.90 -26.92
C LEU B 215 -7.35 -35.20 -26.21
N GLU B 216 -6.43 -35.10 -25.25
CA GLU B 216 -5.91 -36.27 -24.55
C GLU B 216 -5.09 -35.83 -23.35
N ASP B 217 -4.34 -36.75 -22.76
CA ASP B 217 -3.42 -36.39 -21.69
C ASP B 217 -2.35 -35.47 -22.25
N CYS B 218 -2.36 -34.22 -21.81
CA CYS B 218 -1.49 -33.19 -22.38
C CYS B 218 -1.00 -32.22 -21.32
N MET B 219 0.16 -31.62 -21.57
CA MET B 219 0.68 -30.53 -20.74
C MET B 219 1.00 -29.33 -21.60
N THR B 220 0.94 -28.14 -20.99
CA THR B 220 1.22 -26.90 -21.69
C THR B 220 2.19 -26.03 -20.91
N PHE B 221 3.33 -25.72 -21.52
CA PHE B 221 4.32 -24.83 -20.90
C PHE B 221 4.06 -23.39 -21.31
N SER B 222 3.49 -22.61 -20.40
CA SER B 222 3.09 -21.24 -20.69
C SER B 222 4.13 -20.24 -20.17
N ILE B 223 4.90 -19.65 -21.09
CA ILE B 223 5.86 -18.62 -20.74
C ILE B 223 5.16 -17.28 -20.67
N GLY B 224 5.02 -16.74 -19.46
CA GLY B 224 4.31 -15.48 -19.25
C GLY B 224 5.21 -14.26 -19.17
N PHE B 225 4.81 -13.22 -19.86
CA PHE B 225 5.38 -11.89 -19.68
C PHE B 225 4.29 -10.98 -19.14
N ARG B 226 4.65 -10.11 -18.20
CA ARG B 226 3.70 -9.14 -17.66
C ARG B 226 4.33 -7.77 -17.52
N ALA B 227 3.49 -6.74 -17.64
CA ALA B 227 3.91 -5.37 -17.49
C ALA B 227 2.95 -4.66 -16.55
N PRO B 228 3.47 -3.77 -15.70
CA PRO B 228 2.62 -3.17 -14.66
C PRO B 228 1.69 -2.10 -15.20
N ASP B 229 0.49 -1.98 -14.62
CA ASP B 229 -0.41 -0.88 -14.92
C ASP B 229 -0.39 0.11 -13.76
N GLN B 230 -1.21 1.14 -13.85
CA GLN B 230 -1.19 2.23 -12.87
C GLN B 230 -1.63 1.78 -11.48
N ALA B 231 -2.60 0.87 -11.42
CA ALA B 231 -3.11 0.36 -10.15
C ALA B 231 -2.03 -0.42 -9.42
N GLU B 232 -1.34 -1.30 -10.15
CA GLU B 232 -0.35 -2.18 -9.54
C GLU B 232 0.91 -1.41 -9.13
N LEU B 233 1.24 -0.36 -9.88
CA LEU B 233 2.33 0.52 -9.48
C LEU B 233 1.96 1.30 -8.22
N ALA B 234 0.73 1.81 -8.20
CA ALA B 234 0.22 2.55 -7.05
C ALA B 234 0.26 1.69 -5.79
N GLU B 235 0.01 0.39 -5.98
CA GLU B 235 -0.01 -0.55 -4.86
C GLU B 235 1.41 -0.91 -4.40
N ALA B 236 2.40 -0.66 -5.25
CA ALA B 236 3.79 -0.95 -4.94
C ALA B 236 4.53 0.28 -4.43
N MET B 237 3.84 1.40 -4.32
CA MET B 237 4.45 2.65 -3.84
C MET B 237 4.95 2.60 -2.39
N PRO B 238 4.34 1.77 -1.53
CA PRO B 238 4.84 1.76 -0.15
C PRO B 238 6.34 1.48 0.01
N ARG B 239 6.97 0.77 -0.92
CA ARG B 239 8.39 0.47 -0.81
CA ARG B 239 8.40 0.47 -0.78
C ARG B 239 9.23 1.74 -0.91
N MET B 240 8.65 2.79 -1.50
CA MET B 240 9.32 4.10 -1.56
C MET B 240 9.63 4.55 -0.14
N ALA B 241 8.71 4.28 0.78
CA ALA B 241 8.86 4.67 2.17
C ALA B 241 10.12 4.09 2.79
N ALA B 242 10.62 3.01 2.20
CA ALA B 242 11.80 2.34 2.72
C ALA B 242 13.06 3.18 2.54
N TRP B 243 13.14 3.91 1.44
CA TRP B 243 14.31 4.74 1.12
C TRP B 243 14.20 6.17 1.65
N LEU B 244 13.19 6.44 2.47
CA LEU B 244 12.84 7.82 2.81
C LEU B 244 13.25 8.26 4.22
N ASP B 245 12.90 7.46 5.21
CA ASP B 245 13.04 7.87 6.61
C ASP B 245 12.18 9.11 6.84
N GLY B 246 10.94 9.06 6.36
CA GLY B 246 10.01 10.16 6.50
C GLY B 246 9.91 11.04 5.26
N GLY B 247 11.02 11.69 4.89
CA GLY B 247 11.01 12.63 3.79
C GLY B 247 10.40 13.95 4.23
N ARG B 248 10.13 14.82 3.27
CA ARG B 248 9.55 16.13 3.57
C ARG B 248 8.14 15.98 4.12
N ARG B 249 7.75 16.88 5.01
CA ARG B 249 6.41 16.84 5.61
C ARG B 249 5.59 18.08 5.27
N TYR B 250 4.31 17.84 5.00
CA TYR B 250 3.35 18.90 4.72
C TYR B 250 3.35 19.97 5.82
N ALA B 251 3.52 21.23 5.40
CA ALA B 251 3.52 22.35 6.33
C ALA B 251 2.67 23.48 5.78
N ASP B 252 2.01 24.21 6.68
CA ASP B 252 1.21 25.36 6.27
C ASP B 252 1.31 26.51 7.26
N PRO B 253 2.53 27.06 7.44
CA PRO B 253 2.74 28.21 8.31
C PRO B 253 2.11 29.48 7.72
N ASP B 254 1.81 29.44 6.43
CA ASP B 254 1.18 30.56 5.74
C ASP B 254 -0.34 30.43 5.70
N LEU B 255 -0.87 29.51 6.50
CA LEU B 255 -2.31 29.24 6.52
C LEU B 255 -3.09 30.48 6.94
N THR B 256 -4.14 30.79 6.19
CA THR B 256 -5.09 31.82 6.56
C THR B 256 -6.28 31.13 7.22
N PRO B 257 -7.03 31.86 8.07
CA PRO B 257 -8.21 31.26 8.71
C PRO B 257 -9.15 30.64 7.70
N ALA B 258 -9.68 29.46 8.02
CA ALA B 258 -10.44 28.69 7.05
C ALA B 258 -11.91 29.09 7.01
N ASP B 259 -12.35 29.61 5.86
CA ASP B 259 -13.77 29.73 5.57
C ASP B 259 -14.21 28.39 5.00
N GLU B 260 -15.21 27.78 5.61
CA GLU B 260 -15.55 26.38 5.33
C GLU B 260 -14.36 25.49 5.63
N PRO B 261 -14.17 25.13 6.92
CA PRO B 261 -13.02 24.33 7.34
C PRO B 261 -13.03 22.89 6.82
N GLY B 262 -14.14 22.47 6.22
CA GLY B 262 -14.24 21.13 5.67
C GLY B 262 -13.53 20.99 4.34
N GLU B 263 -13.14 22.12 3.75
CA GLU B 263 -12.58 22.11 2.41
C GLU B 263 -11.10 21.77 2.40
N ILE B 264 -10.75 20.79 1.58
CA ILE B 264 -9.36 20.53 1.21
C ILE B 264 -9.04 21.45 0.04
N THR B 265 -8.37 22.56 0.32
CA THR B 265 -8.15 23.61 -0.68
C THR B 265 -7.26 23.15 -1.83
N PRO B 266 -7.33 23.84 -2.98
CA PRO B 266 -6.41 23.58 -4.09
C PRO B 266 -4.96 23.81 -3.68
N GLU B 267 -4.73 24.73 -2.77
CA GLU B 267 -3.38 25.01 -2.27
C GLU B 267 -2.85 23.82 -1.49
N ALA B 268 -3.73 23.16 -0.75
CA ALA B 268 -3.35 21.96 0.00
C ALA B 268 -3.00 20.85 -0.99
N LEU B 269 -3.87 20.65 -1.97
CA LEU B 269 -3.67 19.62 -2.97
C LEU B 269 -2.44 19.92 -3.84
N ASP B 270 -2.11 21.20 -4.00
CA ASP B 270 -0.89 21.58 -4.68
C ASP B 270 0.32 21.00 -3.96
N GLN B 271 0.30 21.06 -2.63
CA GLN B 271 1.43 20.61 -1.84
C GLN B 271 1.52 19.08 -1.81
N ILE B 272 0.38 18.41 -1.68
CA ILE B 272 0.37 16.95 -1.72
C ILE B 272 0.93 16.47 -3.06
N GLN B 273 0.44 17.05 -4.15
CA GLN B 273 0.95 16.74 -5.47
C GLN B 273 2.46 16.96 -5.54
N ALA B 274 2.91 18.10 -5.03
CA ALA B 274 4.33 18.46 -5.05
C ALA B 274 5.16 17.43 -4.28
N LEU B 275 4.66 17.01 -3.13
CA LEU B 275 5.36 16.05 -2.29
C LEU B 275 5.48 14.69 -2.98
N LEU B 276 4.43 14.30 -3.69
CA LEU B 276 4.43 13.03 -4.41
C LEU B 276 5.31 13.12 -5.67
N ARG B 277 5.26 14.27 -6.34
CA ARG B 277 6.05 14.49 -7.53
C ARG B 277 7.55 14.43 -7.24
N ALA B 278 7.96 15.11 -6.17
CA ALA B 278 9.36 15.09 -5.75
C ALA B 278 9.84 13.67 -5.55
N LEU B 279 8.92 12.80 -5.15
CA LEU B 279 9.21 11.40 -4.91
C LEU B 279 9.38 10.65 -6.23
N ILE B 280 8.58 11.02 -7.22
CA ILE B 280 8.56 10.35 -8.51
C ILE B 280 9.64 10.89 -9.47
N ASP B 281 9.88 12.19 -9.41
CA ASP B 281 10.75 12.86 -10.39
C ASP B 281 12.23 12.64 -10.11
N ASP B 282 12.54 12.06 -8.94
CA ASP B 282 13.91 11.70 -8.62
C ASP B 282 14.23 10.36 -9.30
N ARG B 283 14.99 10.41 -10.39
CA ARG B 283 15.23 9.21 -11.20
C ARG B 283 16.00 8.15 -10.43
N GLU B 284 17.02 8.56 -9.68
CA GLU B 284 17.80 7.63 -8.87
C GLU B 284 16.88 6.84 -7.93
N ARG B 285 16.00 7.57 -7.25
CA ARG B 285 15.06 6.98 -6.31
C ARG B 285 14.05 6.07 -7.01
N LEU B 286 13.48 6.55 -8.11
CA LEU B 286 12.48 5.78 -8.84
C LEU B 286 13.07 4.51 -9.43
N ALA B 287 14.32 4.58 -9.89
CA ALA B 287 15.00 3.43 -10.46
C ALA B 287 15.20 2.33 -9.42
N ARG B 288 15.69 2.71 -8.25
CA ARG B 288 15.91 1.77 -7.17
C ARG B 288 14.59 1.13 -6.72
N TRP B 289 13.58 1.98 -6.55
CA TRP B 289 12.27 1.50 -6.13
C TRP B 289 11.69 0.51 -7.14
N PHE B 290 11.64 0.91 -8.40
CA PHE B 290 11.05 0.06 -9.44
C PHE B 290 11.84 -1.23 -9.60
N GLY B 291 13.16 -1.11 -9.67
CA GLY B 291 14.03 -2.26 -9.83
C GLY B 291 13.83 -3.28 -8.73
N CYS B 292 13.45 -2.82 -7.54
CA CYS B 292 13.21 -3.70 -6.41
C CYS B 292 11.84 -4.37 -6.49
N ILE B 293 10.80 -3.58 -6.68
CA ILE B 293 9.44 -4.09 -6.63
C ILE B 293 9.13 -5.02 -7.81
N ILE B 294 9.86 -4.84 -8.91
CA ILE B 294 9.60 -5.60 -10.13
C ILE B 294 10.36 -6.93 -10.13
N THR B 295 11.42 -7.01 -9.34
CA THR B 295 12.19 -8.25 -9.20
C THR B 295 11.76 -9.02 -7.97
N GLU B 296 10.95 -8.38 -7.11
CA GLU B 296 10.44 -9.01 -5.91
C GLU B 296 9.64 -10.28 -6.24
N PRO B 297 9.77 -11.34 -5.43
CA PRO B 297 8.95 -12.52 -5.67
C PRO B 297 7.46 -12.22 -5.54
N ARG B 298 6.70 -12.45 -6.62
CA ARG B 298 5.30 -12.06 -6.67
C ARG B 298 4.44 -12.90 -5.74
N ARG B 299 4.66 -14.21 -5.78
CA ARG B 299 3.87 -15.14 -4.99
C ARG B 299 4.66 -15.61 -3.76
N GLY B 300 4.20 -16.67 -3.11
CA GLY B 300 4.76 -17.09 -1.84
C GLY B 300 6.16 -17.68 -1.88
N LEU B 301 6.64 -18.03 -3.07
CA LEU B 301 7.87 -18.82 -3.23
C LEU B 301 9.15 -17.97 -3.25
N PRO B 302 10.00 -18.10 -2.20
CA PRO B 302 11.27 -17.36 -2.16
C PRO B 302 12.49 -18.25 -2.48
N PRO B 303 13.66 -17.64 -2.74
CA PRO B 303 14.87 -18.44 -2.95
C PRO B 303 15.39 -19.06 -1.65
N GLU B 304 16.19 -20.11 -1.75
CA GLU B 304 16.72 -20.78 -0.57
C GLU B 304 18.23 -21.00 -0.69
N PRO B 305 18.99 -20.71 0.39
CA PRO B 305 20.43 -20.94 0.36
C PRO B 305 20.87 -22.25 1.02
N PRO B 306 22.15 -22.60 0.88
CA PRO B 306 22.73 -23.76 1.57
C PRO B 306 23.25 -23.42 2.97
N PRO B 309 27.63 -21.98 2.04
CA PRO B 309 28.60 -21.34 2.93
C PRO B 309 30.03 -21.50 2.42
N LEU B 310 30.47 -20.57 1.58
CA LEU B 310 31.75 -20.67 0.89
C LEU B 310 32.71 -19.55 1.26
N SER B 311 33.98 -19.89 1.39
CA SER B 311 35.04 -18.88 1.53
C SER B 311 35.37 -18.31 0.16
N ALA B 312 35.91 -17.10 0.13
CA ALA B 312 36.32 -16.48 -1.11
C ALA B 312 37.46 -17.28 -1.75
N LYS B 313 38.22 -17.99 -0.93
CA LYS B 313 39.35 -18.77 -1.40
C LYS B 313 38.88 -20.00 -2.17
N GLN B 314 37.98 -20.77 -1.56
CA GLN B 314 37.51 -22.01 -2.16
C GLN B 314 36.58 -21.73 -3.34
N LEU B 315 35.89 -20.59 -3.29
CA LEU B 315 35.04 -20.19 -4.41
C LEU B 315 35.90 -19.92 -5.64
N HIS B 316 37.00 -19.19 -5.43
CA HIS B 316 37.95 -18.90 -6.49
C HIS B 316 38.53 -20.21 -7.02
N ARG B 317 38.86 -21.12 -6.11
CA ARG B 317 39.42 -22.41 -6.47
C ARG B 317 38.40 -23.28 -7.21
N ARG B 318 37.21 -23.43 -6.61
CA ARG B 318 36.17 -24.28 -7.18
C ARG B 318 35.81 -23.83 -8.59
N LEU B 319 35.74 -22.51 -8.78
CA LEU B 319 35.38 -21.94 -10.07
C LEU B 319 36.51 -22.17 -11.08
N GLN B 320 37.74 -21.90 -10.66
CA GLN B 320 38.91 -22.13 -11.51
C GLN B 320 39.11 -23.62 -11.75
N GLN B 321 38.42 -24.45 -10.95
CA GLN B 321 38.55 -25.89 -11.03
C GLN B 321 37.48 -26.51 -11.93
N GLY B 322 36.69 -25.67 -12.62
CA GLY B 322 35.75 -26.14 -13.63
C GLY B 322 34.28 -26.01 -13.27
N ALA B 323 33.97 -25.16 -12.29
CA ALA B 323 32.59 -24.97 -11.86
C ALA B 323 31.89 -23.86 -12.66
N THR B 324 30.60 -23.68 -12.41
CA THR B 324 29.80 -22.70 -13.12
C THR B 324 28.77 -22.07 -12.17
N LEU B 325 28.41 -20.82 -12.44
CA LEU B 325 27.36 -20.15 -11.69
C LEU B 325 26.06 -20.17 -12.49
N ARG B 326 24.97 -20.57 -11.82
CA ARG B 326 23.66 -20.67 -12.47
C ARG B 326 22.68 -19.64 -11.92
N ARG B 327 21.90 -19.05 -12.81
CA ARG B 327 20.87 -18.10 -12.41
C ARG B 327 19.59 -18.85 -12.06
N ASN B 328 19.20 -18.80 -10.79
CA ASN B 328 18.02 -19.51 -10.33
C ASN B 328 16.73 -18.82 -10.74
N ALA B 329 16.76 -17.50 -10.78
CA ALA B 329 15.61 -16.72 -11.21
C ALA B 329 16.03 -15.58 -12.13
N ILE B 330 15.86 -15.78 -13.43
CA ILE B 330 16.15 -14.73 -14.41
C ILE B 330 15.16 -13.57 -14.31
N PRO B 331 13.86 -13.87 -14.16
CA PRO B 331 12.87 -12.78 -14.05
C PRO B 331 13.11 -11.87 -12.84
N GLU B 332 13.76 -12.41 -11.81
CA GLU B 332 14.04 -11.67 -10.58
C GLU B 332 15.46 -11.11 -10.58
N LEU B 333 16.05 -10.96 -11.76
CA LEU B 333 17.42 -10.49 -11.90
C LEU B 333 17.48 -9.33 -12.91
N ALA B 334 17.97 -8.18 -12.47
CA ALA B 334 18.05 -7.00 -13.35
C ALA B 334 18.98 -5.94 -12.79
N TYR B 335 19.22 -4.88 -13.56
CA TYR B 335 20.12 -3.81 -13.14
C TYR B 335 19.79 -2.48 -13.82
N VAL B 336 20.36 -1.40 -13.28
CA VAL B 336 20.17 -0.06 -13.83
C VAL B 336 21.48 0.73 -13.81
N ARG B 337 21.79 1.39 -14.93
CA ARG B 337 22.96 2.26 -15.01
C ARG B 337 22.61 3.67 -14.54
N HIS B 338 23.52 4.29 -13.80
CA HIS B 338 23.33 5.65 -13.30
C HIS B 338 24.21 6.64 -14.05
N ALA B 339 23.98 7.93 -13.83
CA ALA B 339 24.68 8.97 -14.57
C ALA B 339 26.17 9.07 -14.23
N ASP B 340 26.51 8.84 -12.97
CA ASP B 340 27.90 8.98 -12.53
C ASP B 340 28.76 7.76 -12.86
N GLY B 341 28.16 6.78 -13.52
CA GLY B 341 28.88 5.58 -13.93
C GLY B 341 28.61 4.40 -13.03
N SER B 342 28.11 4.67 -11.83
CA SER B 342 27.76 3.62 -10.89
C SER B 342 26.57 2.82 -11.40
N ALA B 343 26.13 1.84 -10.62
CA ALA B 343 24.99 1.02 -11.00
C ALA B 343 24.32 0.40 -9.78
N THR B 344 23.10 -0.09 -10.00
CA THR B 344 22.37 -0.81 -8.96
C THR B 344 21.90 -2.15 -9.51
N LEU B 345 22.33 -3.22 -8.86
CA LEU B 345 21.93 -4.56 -9.23
C LEU B 345 20.70 -4.96 -8.43
N PHE B 346 19.76 -5.64 -9.07
CA PHE B 346 18.53 -6.07 -8.42
C PHE B 346 18.39 -7.59 -8.45
N ALA B 347 18.27 -8.19 -7.27
CA ALA B 347 18.09 -9.62 -7.15
C ALA B 347 16.97 -9.95 -6.17
N SER B 348 15.84 -10.38 -6.70
CA SER B 348 14.72 -10.87 -5.90
C SER B 348 14.23 -9.85 -4.88
N GLY B 349 14.22 -8.57 -5.26
CA GLY B 349 13.67 -7.53 -4.41
C GLY B 349 14.71 -6.68 -3.71
N GLU B 350 15.93 -7.22 -3.60
CA GLU B 350 17.01 -6.53 -2.90
C GLU B 350 17.89 -5.75 -3.87
N ALA B 351 18.32 -4.56 -3.44
CA ALA B 351 19.19 -3.70 -4.24
C ALA B 351 20.61 -3.72 -3.73
N TYR B 352 21.55 -4.02 -4.63
CA TYR B 352 22.98 -4.00 -4.31
C TYR B 352 23.65 -2.87 -5.08
N GLU B 353 24.26 -1.93 -4.36
CA GLU B 353 24.90 -0.78 -4.98
C GLU B 353 26.30 -1.13 -5.48
N LEU B 354 26.49 -1.01 -6.79
CA LEU B 354 27.79 -1.28 -7.42
C LEU B 354 28.52 0.02 -7.72
N SER B 355 29.70 0.18 -7.14
CA SER B 355 30.56 1.32 -7.44
C SER B 355 30.93 1.29 -8.93
N PRO B 356 31.15 2.46 -9.53
CA PRO B 356 31.44 2.55 -10.98
C PRO B 356 32.60 1.67 -11.44
N GLU B 357 33.52 1.35 -10.53
CA GLU B 357 34.67 0.52 -10.85
C GLU B 357 34.25 -0.84 -11.39
N LEU B 358 33.30 -1.46 -10.71
CA LEU B 358 32.85 -2.82 -11.05
C LEU B 358 31.39 -2.84 -11.51
N ALA B 359 30.88 -1.71 -11.99
CA ALA B 359 29.50 -1.62 -12.44
C ALA B 359 29.21 -2.53 -13.63
N ASP B 360 30.26 -2.90 -14.35
CA ASP B 360 30.12 -3.68 -15.58
C ASP B 360 29.85 -5.16 -15.32
N VAL B 361 29.88 -5.58 -14.06
CA VAL B 361 29.54 -6.96 -13.72
C VAL B 361 28.03 -7.16 -13.78
N ALA B 362 27.29 -6.06 -13.63
CA ALA B 362 25.82 -6.11 -13.61
C ALA B 362 25.24 -6.70 -14.89
N PRO B 363 25.63 -6.18 -16.08
CA PRO B 363 25.11 -6.79 -17.31
C PRO B 363 25.54 -8.24 -17.47
N LEU B 364 26.78 -8.54 -17.08
CA LEU B 364 27.31 -9.89 -17.18
C LEU B 364 26.51 -10.89 -16.35
N LEU B 365 26.26 -10.55 -15.08
CA LEU B 365 25.54 -11.43 -14.18
C LEU B 365 24.09 -11.63 -14.59
N THR B 366 23.56 -10.72 -15.40
CA THR B 366 22.15 -10.73 -15.78
C THR B 366 21.91 -11.11 -17.24
N GLY B 367 22.98 -11.22 -18.02
CA GLY B 367 22.87 -11.40 -19.46
C GLY B 367 22.67 -12.83 -19.91
N ARG B 368 22.90 -13.06 -21.20
CA ARG B 368 22.73 -14.38 -21.81
C ARG B 368 23.91 -15.30 -21.52
N ARG B 369 25.09 -14.71 -21.38
CA ARG B 369 26.34 -15.47 -21.38
C ARG B 369 26.48 -16.35 -20.13
N PRO B 370 26.98 -17.58 -20.31
CA PRO B 370 27.26 -18.43 -19.15
C PRO B 370 28.27 -17.81 -18.19
N LEU B 371 28.08 -18.04 -16.90
CA LEU B 371 28.97 -17.49 -15.89
C LEU B 371 30.00 -18.53 -15.47
N THR B 372 31.17 -18.47 -16.12
CA THR B 372 32.24 -19.44 -15.90
C THR B 372 33.53 -18.74 -15.50
N ALA B 373 34.59 -19.53 -15.30
CA ALA B 373 35.90 -18.99 -14.96
C ALA B 373 36.44 -18.14 -16.10
N GLU B 374 36.23 -18.62 -17.33
CA GLU B 374 36.66 -17.89 -18.52
C GLU B 374 35.92 -16.56 -18.63
N THR B 375 34.62 -16.59 -18.35
CA THR B 375 33.77 -15.41 -18.49
C THR B 375 34.04 -14.38 -17.39
N LEU B 376 34.34 -14.87 -16.19
CA LEU B 376 34.47 -14.02 -15.01
C LEU B 376 35.92 -13.63 -14.73
N ARG B 377 36.83 -14.06 -15.60
CA ARG B 377 38.27 -13.90 -15.41
C ARG B 377 38.71 -12.50 -14.95
N PRO B 378 38.16 -11.43 -15.56
CA PRO B 378 38.56 -10.07 -15.20
C PRO B 378 38.39 -9.71 -13.71
N TRP B 379 37.22 -9.99 -13.15
CA TRP B 379 36.91 -9.53 -11.79
C TRP B 379 37.26 -10.55 -10.71
N LEU B 380 37.75 -11.72 -11.10
CA LEU B 380 38.02 -12.81 -10.17
C LEU B 380 39.00 -12.41 -9.06
N GLU B 381 39.92 -11.49 -9.37
CA GLU B 381 40.96 -11.11 -8.43
C GLU B 381 40.52 -9.99 -7.48
N ARG B 382 39.42 -9.30 -7.83
CA ARG B 382 38.90 -8.23 -6.98
C ARG B 382 38.23 -8.80 -5.74
N ASP B 383 38.38 -8.11 -4.62
CA ASP B 383 37.80 -8.58 -3.36
C ASP B 383 36.33 -8.19 -3.23
N ASP B 384 35.98 -7.00 -3.67
CA ASP B 384 34.59 -6.54 -3.59
C ASP B 384 33.68 -7.41 -4.45
N PHE B 385 34.22 -7.89 -5.56
CA PHE B 385 33.47 -8.76 -6.45
C PHE B 385 33.21 -10.11 -5.79
N LEU B 386 34.21 -10.60 -5.05
CA LEU B 386 34.07 -11.85 -4.31
C LEU B 386 33.01 -11.71 -3.21
N GLU B 387 33.04 -10.57 -2.52
CA GLU B 387 32.06 -10.27 -1.49
C GLU B 387 30.64 -10.31 -2.05
N LEU B 388 30.49 -9.79 -3.28
CA LEU B 388 29.20 -9.76 -3.94
C LEU B 388 28.73 -11.17 -4.30
N LEU B 389 29.61 -11.95 -4.91
CA LEU B 389 29.28 -13.32 -5.29
C LEU B 389 28.92 -14.16 -4.07
N GLN B 390 29.65 -13.95 -2.98
CA GLN B 390 29.38 -14.66 -1.73
C GLN B 390 27.98 -14.32 -1.22
N THR B 391 27.63 -13.04 -1.26
CA THR B 391 26.34 -12.57 -0.79
C THR B 391 25.21 -13.10 -1.68
N LEU B 392 25.43 -13.09 -2.99
CA LEU B 392 24.41 -13.55 -3.93
C LEU B 392 24.18 -15.05 -3.82
N ILE B 393 25.26 -15.82 -3.68
CA ILE B 393 25.15 -17.26 -3.50
C ILE B 393 24.47 -17.59 -2.18
N HIS B 394 24.77 -16.82 -1.15
CA HIS B 394 24.17 -17.00 0.16
C HIS B 394 22.73 -16.49 0.20
N SER B 395 22.38 -15.62 -0.74
CA SER B 395 21.02 -15.11 -0.83
C SER B 395 20.15 -16.01 -1.70
N GLY B 396 20.79 -16.97 -2.37
CA GLY B 396 20.08 -17.93 -3.20
C GLY B 396 19.86 -17.44 -4.61
N ILE B 397 20.51 -16.34 -4.98
CA ILE B 397 20.34 -15.76 -6.30
C ILE B 397 21.10 -16.56 -7.36
N LEU B 398 22.25 -17.11 -6.95
CA LEU B 398 23.09 -17.89 -7.84
C LEU B 398 23.42 -19.25 -7.22
N SER B 399 23.54 -20.26 -8.07
CA SER B 399 23.91 -21.61 -7.61
C SER B 399 25.23 -22.03 -8.24
N LEU B 400 26.19 -22.39 -7.38
CA LEU B 400 27.48 -22.88 -7.84
C LEU B 400 27.35 -24.35 -8.22
N ILE B 401 27.70 -24.66 -9.47
CA ILE B 401 27.54 -26.00 -10.01
C ILE B 401 28.83 -26.53 -10.63
N PRO B 402 29.36 -27.66 -10.09
CA PRO B 402 30.54 -28.27 -10.72
C PRO B 402 30.27 -28.76 -12.14
N PRO C 7 10.40 2.17 18.46
CA PRO C 7 10.36 3.46 19.13
C PRO C 7 9.28 4.37 18.54
N ALA C 8 8.03 4.04 18.83
CA ALA C 8 6.90 4.79 18.28
C ALA C 8 6.87 6.21 18.83
N GLU C 9 6.50 7.15 17.96
CA GLU C 9 6.33 8.54 18.36
C GLU C 9 5.27 8.63 19.46
N VAL C 10 5.43 9.61 20.35
CA VAL C 10 4.71 9.60 21.63
C VAL C 10 3.24 9.99 21.48
N ARG C 11 2.95 11.00 20.68
CA ARG C 11 1.59 11.51 20.53
C ARG C 11 0.78 10.69 19.52
N MET C 12 1.47 9.90 18.69
CA MET C 12 0.83 9.23 17.57
C MET C 12 -0.07 8.05 17.99
N GLY C 13 0.20 7.49 19.16
CA GLY C 13 -0.58 6.36 19.65
C GLY C 13 -0.24 5.06 18.94
N LYS C 14 -1.23 4.43 18.32
CA LYS C 14 -1.02 3.16 17.62
C LYS C 14 -0.27 3.37 16.31
N LYS D 6 -15.03 -9.72 -7.28
CA LYS D 6 -13.76 -9.26 -7.82
C LYS D 6 -12.88 -10.45 -8.23
N PRO D 7 -13.33 -11.22 -9.24
CA PRO D 7 -12.62 -12.40 -9.70
C PRO D 7 -11.30 -12.06 -10.43
N ALA D 8 -10.28 -12.88 -10.22
CA ALA D 8 -8.96 -12.64 -10.80
C ALA D 8 -8.79 -13.39 -12.11
N GLU D 9 -7.95 -12.84 -12.99
CA GLU D 9 -7.70 -13.46 -14.29
C GLU D 9 -7.00 -14.80 -14.14
N VAL D 10 -7.19 -15.67 -15.13
CA VAL D 10 -6.74 -17.06 -15.06
C VAL D 10 -5.22 -17.20 -14.93
N ARG D 11 -4.48 -16.42 -15.69
CA ARG D 11 -3.03 -16.57 -15.76
C ARG D 11 -2.32 -16.02 -14.52
N MET D 12 -3.09 -15.41 -13.61
CA MET D 12 -2.53 -14.73 -12.45
C MET D 12 -1.97 -15.71 -11.42
N GLY D 13 -2.85 -16.48 -10.78
CA GLY D 13 -2.46 -17.34 -9.68
C GLY D 13 -2.69 -16.64 -8.34
N LYS D 14 -1.71 -16.76 -7.44
CA LYS D 14 -1.79 -16.14 -6.12
C LYS D 14 -1.09 -14.79 -6.11
MN MN E . 3.71 15.78 23.12
C1 OGA F . 1.03 15.52 24.32
C2 OGA F . 1.70 15.32 25.69
C4 OGA F . 1.72 14.27 27.97
C5 OGA F . 0.66 14.15 29.03
O1 OGA F . 1.53 14.99 23.28
O2 OGA F . -0.03 16.20 24.24
O2' OGA F . 2.75 15.90 25.93
O3 OGA F . 0.99 13.88 30.22
N1 OGA F . 1.09 14.45 26.68
O4 OGA F . -0.57 14.33 28.74
C1 MPD G . -2.50 11.36 9.32
C2 MPD G . -1.09 11.18 8.77
O2 MPD G . -0.34 10.27 9.61
CM MPD G . -0.36 12.52 8.77
C3 MPD G . -1.16 10.64 7.34
C4 MPD G . -1.70 9.21 7.26
O4 MPD G . -3.08 9.24 6.92
C5 MPD G . -0.98 8.38 6.20
P PO4 H . -1.29 7.45 11.91
O1 PO4 H . -2.29 7.15 10.81
O2 PO4 H . 0.09 7.55 11.30
O3 PO4 H . -1.64 8.76 12.57
O4 PO4 H . -1.32 6.34 12.93
MN MN I . -4.45 -17.61 -20.97
C1 OGA J . -2.32 -19.21 -20.38
C2 OGA J . -3.48 -20.19 -20.53
C4 OGA J . -4.43 -22.50 -20.18
C5 OGA J . -3.88 -23.90 -20.39
O1 OGA J . -2.53 -18.05 -19.89
O2 OGA J . -1.15 -19.55 -20.73
O2' OGA J . -4.53 -19.83 -21.07
O3 OGA J . -2.79 -24.25 -19.84
N1 OGA J . -3.34 -21.56 -20.05
O4 OGA J . -4.50 -24.71 -21.12
C1 MPD K . 2.09 -7.32 -10.87
C2 MPD K . 3.22 -6.40 -11.32
O2 MPD K . 2.92 -5.97 -12.67
CM MPD K . 4.56 -7.10 -11.32
C3 MPD K . 3.33 -5.17 -10.43
C4 MPD K . 3.71 -5.53 -8.99
O4 MPD K . 5.04 -5.10 -8.75
C5 MPD K . 2.78 -4.92 -7.95
#